data_4E5M
#
_entry.id   4E5M
#
_cell.length_a   48.168
_cell.length_b   114.013
_cell.length_c   58.781
_cell.angle_alpha   90.00
_cell.angle_beta   94.11
_cell.angle_gamma   90.00
#
_symmetry.space_group_name_H-M   'P 1 21 1'
#
loop_
_entity.id
_entity.type
_entity.pdbx_description
1 polymer 'Thermostable phosphite dehydrogenase'
2 non-polymer 'NADP NICOTINAMIDE-ADENINE-DINUCLEOTIDE PHOSPHATE'
3 water water
#
_entity_poly.entity_id   1
_entity_poly.type   'polypeptide(L)'
_entity_poly.pdbx_seq_one_letter_code
;MLPKLVITHRVHEEILQLLAPHCELITNQTDSTLTREEILRRCRDAQAMMAFMPDRVDADFLQACPELRVIGCALKGFDN
FDVDACTARGVWLTFVPDLLTVPTAELAIGLAVGLGRHLRAADAFVRSGQFRGWQPRFYGTGLDNATVGFLGMGAIGLAM
ADRLQGWGATLQYHARKALDTQTEQRLGLRQVACSELFASSDFILLALPLNADTLHLVNAELLALVRPGALLVNPCRGSV
VDEAAVLAALERGQLGGYAADVFEMEDWARADRPQQIDPALLAHPNTLFTPHIGSAVRAVRLEIERCAAQNILQALAGER
PINAVNRLP
;
_entity_poly.pdbx_strand_id   A,B
#
loop_
_chem_comp.id
_chem_comp.type
_chem_comp.name
_chem_comp.formula
NAP non-polymer 'NADP NICOTINAMIDE-ADENINE-DINUCLEOTIDE PHOSPHATE' 'C21 H28 N7 O17 P3'
#
# COMPACT_ATOMS: atom_id res chain seq x y z
N MET A 1 18.61 -22.03 -42.39
CA MET A 1 17.64 -20.91 -42.25
C MET A 1 16.97 -20.99 -40.88
N LEU A 2 17.19 -19.97 -40.06
CA LEU A 2 16.63 -19.96 -38.70
C LEU A 2 15.15 -19.55 -38.70
N PRO A 3 14.36 -20.10 -37.75
CA PRO A 3 12.99 -19.66 -37.61
C PRO A 3 12.94 -18.18 -37.19
N LYS A 4 11.99 -17.44 -37.73
CA LYS A 4 11.83 -16.03 -37.39
C LYS A 4 10.91 -15.88 -36.18
N LEU A 5 11.39 -15.13 -35.19
CA LEU A 5 10.61 -14.82 -33.99
C LEU A 5 10.33 -13.32 -33.89
N VAL A 6 9.05 -12.97 -33.79
CA VAL A 6 8.65 -11.58 -33.58
C VAL A 6 8.37 -11.35 -32.10
N ILE A 7 9.07 -10.39 -31.50
CA ILE A 7 8.85 -10.02 -30.10
C ILE A 7 8.22 -8.63 -30.10
N THR A 8 6.96 -8.55 -29.68
CA THR A 8 6.16 -7.34 -29.89
C THR A 8 6.51 -6.18 -28.96
N HIS A 9 7.14 -6.48 -27.83
CA HIS A 9 7.53 -5.43 -26.89
C HIS A 9 8.95 -5.61 -26.38
N ARG A 10 9.47 -4.55 -25.75
CA ARG A 10 10.85 -4.53 -25.27
C ARG A 10 11.12 -5.63 -24.25
N VAL A 11 12.22 -6.33 -24.44
CA VAL A 11 12.65 -7.36 -23.51
C VAL A 11 14.07 -7.06 -23.00
N HIS A 12 14.46 -7.68 -21.88
CA HIS A 12 15.83 -7.56 -21.35
C HIS A 12 16.84 -8.09 -22.38
N GLU A 13 18.01 -7.46 -22.47
CA GLU A 13 19.02 -7.90 -23.44
C GLU A 13 19.41 -9.39 -23.29
N GLU A 14 19.45 -9.87 -22.05
CA GLU A 14 19.77 -11.26 -21.76
C GLU A 14 18.84 -12.25 -22.49
N ILE A 15 17.57 -11.86 -22.65
CA ILE A 15 16.58 -12.70 -23.32
C ILE A 15 16.85 -12.72 -24.83
N LEU A 16 17.25 -11.58 -25.39
CA LEU A 16 17.68 -11.53 -26.78
C LEU A 16 18.87 -12.44 -27.00
N GLN A 17 19.81 -12.41 -26.06
CA GLN A 17 21.02 -13.24 -26.14
C GLN A 17 20.70 -14.73 -26.02
N LEU A 18 19.71 -15.06 -25.20
CA LEU A 18 19.25 -16.44 -25.07
C LEU A 18 18.65 -16.99 -26.37
N LEU A 19 17.93 -16.13 -27.09
CA LEU A 19 17.14 -16.55 -28.24
C LEU A 19 17.90 -16.50 -29.57
N ALA A 20 18.84 -15.56 -29.68
CA ALA A 20 19.52 -15.28 -30.96
C ALA A 20 20.21 -16.48 -31.63
N PRO A 21 20.86 -17.36 -30.85
CA PRO A 21 21.50 -18.52 -31.48
C PRO A 21 20.54 -19.47 -32.20
N HIS A 22 19.25 -19.37 -31.89
CA HIS A 22 18.24 -20.30 -32.43
C HIS A 22 17.19 -19.65 -33.33
N CYS A 23 17.09 -18.33 -33.29
CA CYS A 23 16.04 -17.60 -34.01
C CYS A 23 16.58 -16.34 -34.65
N GLU A 24 16.08 -16.02 -35.84
CA GLU A 24 16.20 -14.66 -36.38
C GLU A 24 15.22 -13.78 -35.61
N LEU A 25 15.73 -12.79 -34.89
CA LEU A 25 14.92 -11.95 -34.02
C LEU A 25 14.41 -10.70 -34.74
N ILE A 26 13.11 -10.47 -34.65
CA ILE A 26 12.47 -9.27 -35.16
C ILE A 26 11.87 -8.55 -33.94
N THR A 27 12.58 -7.54 -33.46
CA THR A 27 12.37 -7.01 -32.12
C THR A 27 11.70 -5.64 -32.09
N ASN A 28 11.17 -5.30 -30.92
CA ASN A 28 10.67 -3.97 -30.64
C ASN A 28 11.30 -3.52 -29.33
N GLN A 29 12.56 -3.12 -29.39
CA GLN A 29 13.29 -2.64 -28.23
C GLN A 29 13.06 -1.14 -28.04
N THR A 30 11.79 -0.79 -27.88
CA THR A 30 11.35 0.57 -27.57
C THR A 30 10.27 0.46 -26.50
N ASP A 31 9.79 1.59 -25.98
CA ASP A 31 8.72 1.55 -24.99
C ASP A 31 7.32 1.58 -25.62
N SER A 32 7.27 1.64 -26.94
CA SER A 32 6.01 1.78 -27.66
C SER A 32 5.27 0.45 -27.87
N THR A 33 3.96 0.55 -28.05
CA THR A 33 3.17 -0.56 -28.57
C THR A 33 2.90 -0.28 -30.04
N LEU A 34 3.27 -1.23 -30.89
CA LEU A 34 3.11 -1.08 -32.33
C LEU A 34 1.66 -1.33 -32.73
N THR A 35 1.28 -0.86 -33.92
CA THR A 35 -0.07 -1.11 -34.43
C THR A 35 -0.23 -2.59 -34.75
N ARG A 36 -1.47 -3.05 -34.71
CA ARG A 36 -1.81 -4.42 -35.10
C ARG A 36 -1.41 -4.67 -36.56
N GLU A 37 -1.58 -3.67 -37.42
CA GLU A 37 -1.15 -3.75 -38.82
C GLU A 37 0.36 -4.00 -38.94
N GLU A 38 1.15 -3.30 -38.13
CA GLU A 38 2.60 -3.47 -38.11
C GLU A 38 3.00 -4.84 -37.54
N ILE A 39 2.32 -5.26 -36.47
CA ILE A 39 2.58 -6.58 -35.89
C ILE A 39 2.28 -7.69 -36.92
N LEU A 40 1.16 -7.55 -37.64
CA LEU A 40 0.80 -8.46 -38.73
C LEU A 40 1.84 -8.46 -39.85
N ARG A 41 2.31 -7.27 -40.23
CA ARG A 41 3.37 -7.13 -41.23
C ARG A 41 4.61 -7.94 -40.82
N ARG A 42 5.03 -7.77 -39.56
CA ARG A 42 6.21 -8.46 -39.04
C ARG A 42 6.01 -9.98 -38.90
N CYS A 43 4.79 -10.39 -38.57
CA CYS A 43 4.49 -11.79 -38.30
C CYS A 43 4.10 -12.61 -39.54
N ARG A 44 3.91 -11.95 -40.68
CA ARG A 44 3.40 -12.63 -41.89
C ARG A 44 4.15 -13.93 -42.22
N ASP A 45 5.48 -13.88 -42.16
CA ASP A 45 6.31 -15.05 -42.46
C ASP A 45 7.11 -15.55 -41.24
N ALA A 46 6.62 -15.21 -40.05
CA ALA A 46 7.27 -15.61 -38.81
C ALA A 46 6.87 -17.01 -38.38
N GLN A 47 7.78 -17.70 -37.70
CA GLN A 47 7.51 -19.03 -37.15
C GLN A 47 7.08 -18.92 -35.68
N ALA A 48 7.40 -17.79 -35.05
CA ALA A 48 7.14 -17.62 -33.63
C ALA A 48 6.81 -16.17 -33.28
N MET A 49 6.09 -16.02 -32.18
CA MET A 49 5.69 -14.72 -31.66
C MET A 49 5.80 -14.75 -30.15
N MET A 50 6.49 -13.77 -29.57
CA MET A 50 6.39 -13.56 -28.13
C MET A 50 5.40 -12.43 -27.91
N ALA A 51 4.28 -12.75 -27.27
CA ALA A 51 3.17 -11.81 -27.13
C ALA A 51 3.02 -11.28 -25.71
N PHE A 52 2.44 -10.11 -25.60
CA PHE A 52 2.32 -9.38 -24.35
C PHE A 52 0.87 -8.92 -24.21
N MET A 53 0.55 -8.28 -23.08
CA MET A 53 -0.84 -7.91 -22.79
C MET A 53 -1.54 -7.04 -23.87
N PRO A 54 -0.80 -6.16 -24.58
CA PRO A 54 -1.49 -5.39 -25.63
C PRO A 54 -1.88 -6.20 -26.87
N ASP A 55 -1.34 -7.40 -27.01
CA ASP A 55 -1.57 -8.21 -28.21
C ASP A 55 -2.95 -8.88 -28.22
N ARG A 56 -3.48 -9.09 -29.43
CA ARG A 56 -4.76 -9.78 -29.61
C ARG A 56 -4.63 -10.67 -30.83
N VAL A 57 -4.80 -11.98 -30.62
CA VAL A 57 -4.70 -12.92 -31.72
C VAL A 57 -6.05 -13.60 -31.93
N ASP A 58 -6.64 -13.34 -33.09
CA ASP A 58 -7.89 -13.97 -33.49
C ASP A 58 -7.71 -14.85 -34.73
N ALA A 59 -8.81 -15.44 -35.20
CA ALA A 59 -8.77 -16.30 -36.40
C ALA A 59 -8.11 -15.59 -37.59
N ASP A 60 -8.54 -14.35 -37.82
CA ASP A 60 -8.01 -13.52 -38.91
C ASP A 60 -6.50 -13.32 -38.81
N PHE A 61 -6.01 -13.12 -37.59
CA PHE A 61 -4.58 -12.95 -37.34
C PHE A 61 -3.83 -14.22 -37.79
N LEU A 62 -4.29 -15.37 -37.29
CA LEU A 62 -3.65 -16.64 -37.60
C LEU A 62 -3.66 -16.97 -39.09
N GLN A 63 -4.77 -16.65 -39.74
CA GLN A 63 -4.91 -16.87 -41.19
C GLN A 63 -3.86 -16.08 -41.96
N ALA A 64 -3.59 -14.86 -41.50
CA ALA A 64 -2.60 -13.98 -42.14
C ALA A 64 -1.17 -14.38 -41.85
N CYS A 65 -0.98 -15.26 -40.85
CA CYS A 65 0.36 -15.72 -40.47
C CYS A 65 0.43 -17.25 -40.52
N PRO A 66 0.45 -17.82 -41.76
CA PRO A 66 0.32 -19.26 -41.94
C PRO A 66 1.53 -20.07 -41.47
N GLU A 67 2.65 -19.40 -41.20
CA GLU A 67 3.87 -20.11 -40.80
C GLU A 67 4.08 -20.16 -39.29
N LEU A 68 3.20 -19.50 -38.53
CA LEU A 68 3.30 -19.47 -37.08
C LEU A 68 3.13 -20.86 -36.49
N ARG A 69 4.04 -21.22 -35.60
CA ARG A 69 4.01 -22.52 -34.93
C ARG A 69 3.84 -22.39 -33.43
N VAL A 70 4.17 -21.21 -32.90
CA VAL A 70 4.04 -20.96 -31.46
C VAL A 70 3.86 -19.48 -31.14
N ILE A 71 2.91 -19.21 -30.25
CA ILE A 71 2.74 -17.89 -29.68
C ILE A 71 3.04 -18.02 -28.19
N GLY A 72 4.15 -17.44 -27.76
CA GLY A 72 4.57 -17.53 -26.36
C GLY A 72 4.16 -16.27 -25.64
N CYS A 73 3.16 -16.38 -24.75
CA CYS A 73 2.60 -15.23 -24.05
C CYS A 73 3.31 -14.95 -22.74
N ALA A 74 3.75 -13.72 -22.56
CA ALA A 74 4.44 -13.29 -21.35
C ALA A 74 3.40 -12.75 -20.35
N LEU A 75 2.47 -13.63 -19.94
CA LEU A 75 1.28 -13.24 -19.19
C LEU A 75 0.52 -14.48 -18.73
N LYS A 76 -0.47 -14.29 -17.86
CA LYS A 76 -1.29 -15.42 -17.43
C LYS A 76 -2.68 -15.48 -18.07
N GLY A 77 -3.39 -14.35 -18.06
CA GLY A 77 -4.74 -14.32 -18.63
C GLY A 77 -4.70 -14.09 -20.13
N PHE A 78 -4.89 -15.15 -20.90
CA PHE A 78 -4.82 -15.07 -22.35
C PHE A 78 -6.20 -14.89 -23.00
N ASP A 79 -7.07 -14.11 -22.33
CA ASP A 79 -8.42 -13.86 -22.83
C ASP A 79 -8.48 -13.18 -24.22
N ASN A 80 -7.41 -12.49 -24.61
CA ASN A 80 -7.36 -11.85 -25.93
C ASN A 80 -6.74 -12.71 -27.03
N PHE A 81 -6.47 -13.97 -26.69
CA PHE A 81 -5.91 -14.94 -27.61
C PHE A 81 -6.94 -16.05 -27.83
N ASP A 82 -7.35 -16.24 -29.09
CA ASP A 82 -8.34 -17.26 -29.43
C ASP A 82 -7.63 -18.61 -29.45
N VAL A 83 -7.58 -19.26 -28.28
CA VAL A 83 -6.88 -20.54 -28.16
C VAL A 83 -7.51 -21.64 -29.04
N ASP A 84 -8.82 -21.62 -29.19
CA ASP A 84 -9.54 -22.59 -30.03
C ASP A 84 -9.06 -22.52 -31.49
N ALA A 85 -8.91 -21.29 -32.00
CA ALA A 85 -8.38 -21.06 -33.35
C ALA A 85 -6.91 -21.48 -33.48
N CYS A 86 -6.10 -21.18 -32.46
CA CYS A 86 -4.71 -21.67 -32.42
C CYS A 86 -4.67 -23.20 -32.52
N THR A 87 -5.48 -23.88 -31.71
CA THR A 87 -5.51 -25.33 -31.65
C THR A 87 -5.94 -25.92 -33.00
N ALA A 88 -6.97 -25.31 -33.59
CA ALA A 88 -7.52 -25.77 -34.87
C ALA A 88 -6.49 -25.63 -35.99
N ARG A 89 -5.62 -24.62 -35.87
CA ARG A 89 -4.61 -24.35 -36.89
C ARG A 89 -3.24 -24.96 -36.59
N GLY A 90 -3.14 -25.74 -35.51
CA GLY A 90 -1.90 -26.41 -35.14
C GLY A 90 -0.83 -25.49 -34.58
N VAL A 91 -1.25 -24.42 -33.89
CA VAL A 91 -0.35 -23.43 -33.31
C VAL A 91 -0.32 -23.58 -31.79
N TRP A 92 0.86 -23.77 -31.21
CA TRP A 92 1.02 -23.79 -29.76
C TRP A 92 0.71 -22.42 -29.17
N LEU A 93 -0.04 -22.41 -28.06
CA LEU A 93 -0.20 -21.18 -27.28
C LEU A 93 0.32 -21.45 -25.88
N THR A 94 1.23 -20.61 -25.41
CA THR A 94 1.83 -20.82 -24.10
C THR A 94 1.62 -19.62 -23.18
N PHE A 95 1.62 -19.87 -21.87
CA PHE A 95 1.42 -18.80 -20.90
C PHE A 95 2.40 -18.91 -19.73
N VAL A 96 2.24 -18.05 -18.73
CA VAL A 96 3.09 -18.06 -17.55
C VAL A 96 2.19 -18.27 -16.34
N PRO A 97 2.14 -19.52 -15.81
CA PRO A 97 1.10 -19.89 -14.84
C PRO A 97 1.23 -19.25 -13.46
N ASP A 98 2.45 -19.01 -12.98
CA ASP A 98 2.62 -18.64 -11.57
C ASP A 98 3.35 -17.34 -11.26
N LEU A 99 4.30 -16.94 -12.11
CA LEU A 99 5.17 -15.80 -11.80
C LEU A 99 4.46 -14.46 -11.57
N LEU A 100 3.31 -14.27 -12.20
CA LEU A 100 2.58 -12.99 -12.08
C LEU A 100 1.76 -12.88 -10.77
N THR A 101 1.51 -14.04 -10.14
CA THR A 101 0.62 -14.13 -8.98
C THR A 101 1.01 -13.24 -7.80
N VAL A 102 2.23 -13.45 -7.29
CA VAL A 102 2.68 -12.77 -6.08
C VAL A 102 2.78 -11.24 -6.21
N PRO A 103 3.47 -10.71 -7.26
CA PRO A 103 3.52 -9.25 -7.36
C PRO A 103 2.14 -8.60 -7.53
N THR A 104 1.21 -9.30 -8.19
CA THR A 104 -0.16 -8.81 -8.35
C THR A 104 -0.90 -8.79 -7.01
N ALA A 105 -0.73 -9.85 -6.22
CA ALA A 105 -1.30 -9.90 -4.87
C ALA A 105 -0.73 -8.77 -4.00
N GLU A 106 0.58 -8.53 -4.08
CA GLU A 106 1.22 -7.46 -3.31
C GLU A 106 0.59 -6.12 -3.69
N LEU A 107 0.48 -5.87 -4.99
CA LEU A 107 -0.14 -4.63 -5.46
C LEU A 107 -1.57 -4.48 -4.95
N ALA A 108 -2.36 -5.55 -5.04
CA ALA A 108 -3.77 -5.46 -4.67
C ALA A 108 -3.93 -5.04 -3.21
N ILE A 109 -3.10 -5.59 -2.32
CA ILE A 109 -3.16 -5.21 -0.90
C ILE A 109 -2.69 -3.75 -0.74
N GLY A 110 -1.64 -3.39 -1.47
CA GLY A 110 -1.20 -1.99 -1.54
C GLY A 110 -2.32 -1.05 -1.97
N LEU A 111 -3.10 -1.47 -2.96
CA LEU A 111 -4.24 -0.68 -3.44
C LEU A 111 -5.33 -0.59 -2.38
N ALA A 112 -5.59 -1.70 -1.69
CA ALA A 112 -6.57 -1.73 -0.59
C ALA A 112 -6.22 -0.72 0.51
N VAL A 113 -4.96 -0.71 0.93
CA VAL A 113 -4.52 0.25 1.95
C VAL A 113 -4.55 1.68 1.39
N GLY A 114 -3.98 1.85 0.20
CA GLY A 114 -3.91 3.16 -0.47
C GLY A 114 -5.27 3.78 -0.67
N LEU A 115 -6.23 2.98 -1.11
CA LEU A 115 -7.60 3.46 -1.34
C LEU A 115 -8.30 3.79 -0.04
N GLY A 116 -8.18 2.90 0.94
CA GLY A 116 -8.84 3.09 2.24
C GLY A 116 -8.33 4.28 3.01
N ARG A 117 -7.08 4.65 2.78
CA ARG A 117 -6.41 5.70 3.55
C ARG A 117 -6.17 7.01 2.78
N HIS A 118 -6.78 7.10 1.59
CA HIS A 118 -6.73 8.31 0.74
C HIS A 118 -5.29 8.73 0.42
N LEU A 119 -4.45 7.74 0.09
CA LEU A 119 -3.03 7.93 -0.15
C LEU A 119 -2.75 8.90 -1.30
N ARG A 120 -3.50 8.78 -2.38
CA ARG A 120 -3.38 9.65 -3.56
C ARG A 120 -3.49 11.12 -3.18
N ALA A 121 -4.60 11.47 -2.52
CA ALA A 121 -4.85 12.86 -2.11
C ALA A 121 -3.92 13.31 -1.00
N ALA A 122 -3.58 12.39 -0.10
CA ALA A 122 -2.70 12.69 1.02
C ALA A 122 -1.32 13.13 0.51
N ASP A 123 -0.78 12.37 -0.46
CA ASP A 123 0.53 12.66 -1.04
C ASP A 123 0.50 13.99 -1.79
N ALA A 124 -0.55 14.21 -2.57
CA ALA A 124 -0.73 15.47 -3.31
C ALA A 124 -0.72 16.67 -2.36
N PHE A 125 -1.38 16.51 -1.21
CA PHE A 125 -1.43 17.57 -0.19
C PHE A 125 -0.04 17.87 0.39
N VAL A 126 0.68 16.85 0.84
CA VAL A 126 2.02 17.09 1.41
C VAL A 126 2.95 17.77 0.40
N ARG A 127 2.90 17.32 -0.85
CA ARG A 127 3.78 17.86 -1.89
C ARG A 127 3.45 19.30 -2.28
N SER A 128 2.28 19.80 -1.85
CA SER A 128 1.86 21.16 -2.18
C SER A 128 2.68 22.22 -1.45
N GLY A 129 3.33 21.82 -0.37
CA GLY A 129 4.09 22.74 0.47
C GLY A 129 3.24 23.35 1.58
N GLN A 130 1.98 22.91 1.66
CA GLN A 130 1.00 23.51 2.59
C GLN A 130 0.78 22.66 3.85
N PHE A 131 1.58 21.61 4.03
CA PHE A 131 1.51 20.80 5.25
C PHE A 131 1.88 21.65 6.45
N ARG A 132 1.06 21.58 7.49
CA ARG A 132 1.25 22.42 8.67
C ARG A 132 1.14 21.60 9.95
N GLY A 133 1.58 20.35 9.88
CA GLY A 133 1.50 19.43 11.02
C GLY A 133 0.22 18.62 11.01
N TRP A 134 0.01 17.84 12.07
CA TRP A 134 -1.16 16.99 12.21
C TRP A 134 -2.47 17.79 12.05
N GLN A 135 -3.40 17.20 11.30
CA GLN A 135 -4.59 17.90 10.82
C GLN A 135 -5.80 16.95 10.72
N PRO A 136 -7.00 17.49 10.45
CA PRO A 136 -8.23 16.69 10.53
C PRO A 136 -8.64 15.93 9.26
N ARG A 137 -7.92 16.13 8.16
CA ARG A 137 -8.33 15.54 6.89
C ARG A 137 -7.81 14.10 6.72
N PHE A 138 -8.36 13.41 5.73
CA PHE A 138 -7.88 12.09 5.27
C PHE A 138 -8.14 10.93 6.24
N TYR A 139 -9.15 11.08 7.10
CA TYR A 139 -9.62 9.93 7.87
C TYR A 139 -10.18 8.88 6.93
N GLY A 140 -9.76 7.64 7.15
CA GLY A 140 -10.14 6.56 6.26
C GLY A 140 -10.54 5.29 6.95
N THR A 141 -10.44 4.20 6.20
CA THR A 141 -10.84 2.87 6.64
C THR A 141 -9.62 1.95 6.64
N GLY A 142 -9.48 1.19 7.72
CA GLY A 142 -8.41 0.20 7.84
C GLY A 142 -8.92 -1.22 7.67
N LEU A 143 -7.98 -2.17 7.59
CA LEU A 143 -8.32 -3.58 7.47
C LEU A 143 -8.65 -4.24 8.80
N ASP A 144 -8.01 -3.77 9.88
CA ASP A 144 -8.23 -4.31 11.21
C ASP A 144 -9.72 -4.29 11.54
N ASN A 145 -10.24 -5.43 12.00
CA ASN A 145 -11.67 -5.61 12.36
C ASN A 145 -12.66 -5.46 11.19
N ALA A 146 -12.14 -5.36 9.97
CA ALA A 146 -13.00 -5.26 8.80
C ALA A 146 -13.26 -6.64 8.22
N THR A 147 -14.37 -6.78 7.52
CA THR A 147 -14.61 -7.97 6.73
C THR A 147 -14.03 -7.74 5.33
N VAL A 148 -13.18 -8.67 4.89
CA VAL A 148 -12.59 -8.61 3.56
C VAL A 148 -13.13 -9.80 2.77
N GLY A 149 -13.73 -9.50 1.63
CA GLY A 149 -14.32 -10.54 0.78
C GLY A 149 -13.54 -10.73 -0.49
N PHE A 150 -13.21 -11.99 -0.83
CA PHE A 150 -12.53 -12.30 -2.07
C PHE A 150 -13.52 -12.94 -3.03
N LEU A 151 -13.61 -12.43 -4.25
CA LEU A 151 -14.37 -13.07 -5.30
C LEU A 151 -13.43 -13.85 -6.19
N GLY A 152 -13.49 -15.18 -6.09
CA GLY A 152 -12.50 -16.04 -6.72
C GLY A 152 -11.44 -16.41 -5.70
N MET A 153 -10.94 -17.63 -5.79
CA MET A 153 -9.97 -18.13 -4.83
C MET A 153 -9.01 -19.10 -5.52
N GLY A 154 -8.46 -18.62 -6.63
CA GLY A 154 -7.38 -19.32 -7.35
C GLY A 154 -6.06 -18.78 -6.86
N ALA A 155 -5.08 -18.69 -7.75
CA ALA A 155 -3.71 -18.32 -7.38
C ALA A 155 -3.63 -16.95 -6.70
N ILE A 156 -4.22 -15.94 -7.32
CA ILE A 156 -4.17 -14.58 -6.78
C ILE A 156 -5.02 -14.44 -5.50
N GLY A 157 -6.23 -15.00 -5.51
CA GLY A 157 -7.06 -15.04 -4.30
C GLY A 157 -6.35 -15.64 -3.10
N LEU A 158 -5.69 -16.78 -3.31
CA LEU A 158 -4.97 -17.44 -2.23
C LEU A 158 -3.76 -16.65 -1.79
N ALA A 159 -3.06 -16.05 -2.76
CA ALA A 159 -1.89 -15.23 -2.47
C ALA A 159 -2.26 -14.00 -1.64
N MET A 160 -3.41 -13.40 -1.95
CA MET A 160 -3.91 -12.28 -1.17
C MET A 160 -4.32 -12.70 0.24
N ALA A 161 -5.02 -13.83 0.33
CA ALA A 161 -5.42 -14.40 1.62
C ALA A 161 -4.21 -14.67 2.50
N ASP A 162 -3.16 -15.26 1.91
CA ASP A 162 -1.91 -15.53 2.63
C ASP A 162 -1.31 -14.26 3.23
N ARG A 163 -1.38 -13.19 2.44
CA ARG A 163 -0.73 -11.94 2.79
C ARG A 163 -1.51 -11.09 3.79
N LEU A 164 -2.78 -11.45 4.02
CA LEU A 164 -3.63 -10.75 4.98
C LEU A 164 -3.75 -11.46 6.34
N GLN A 165 -3.02 -12.56 6.50
CA GLN A 165 -3.10 -13.39 7.72
C GLN A 165 -2.94 -12.64 9.04
N GLY A 166 -1.99 -11.71 9.11
CA GLY A 166 -1.78 -10.99 10.37
C GLY A 166 -2.50 -9.66 10.49
N TRP A 167 -3.52 -9.44 9.67
CA TRP A 167 -4.13 -8.11 9.54
C TRP A 167 -5.40 -7.90 10.38
N GLY A 168 -5.80 -8.89 11.16
CA GLY A 168 -6.95 -8.74 12.08
C GLY A 168 -8.30 -8.60 11.40
N ALA A 169 -8.39 -9.05 10.15
CA ALA A 169 -9.63 -8.97 9.38
C ALA A 169 -10.44 -10.27 9.46
N THR A 170 -11.72 -10.17 9.15
CA THR A 170 -12.57 -11.35 8.99
C THR A 170 -12.61 -11.67 7.51
N LEU A 171 -11.98 -12.78 7.14
CA LEU A 171 -11.85 -13.12 5.72
C LEU A 171 -12.95 -14.07 5.27
N GLN A 172 -13.53 -13.75 4.12
CA GLN A 172 -14.56 -14.58 3.51
C GLN A 172 -14.39 -14.55 2.01
N TYR A 173 -14.97 -15.54 1.34
CA TYR A 173 -14.80 -15.64 -0.11
C TYR A 173 -15.99 -16.35 -0.77
N HIS A 174 -16.16 -16.06 -2.05
CA HIS A 174 -17.04 -16.85 -2.90
C HIS A 174 -16.24 -17.41 -4.07
N ALA A 175 -16.40 -18.72 -4.30
CA ALA A 175 -15.84 -19.40 -5.45
C ALA A 175 -16.85 -20.44 -5.91
N ARG A 176 -16.74 -20.89 -7.17
CA ARG A 176 -17.61 -21.97 -7.68
C ARG A 176 -17.30 -23.27 -6.96
N LYS A 177 -16.02 -23.49 -6.68
CA LYS A 177 -15.56 -24.65 -5.92
C LYS A 177 -14.85 -24.18 -4.64
N ALA A 178 -15.36 -24.61 -3.49
CA ALA A 178 -14.77 -24.26 -2.21
C ALA A 178 -13.41 -24.92 -1.99
N LEU A 179 -12.55 -24.25 -1.20
CA LEU A 179 -11.30 -24.83 -0.73
C LEU A 179 -11.60 -25.97 0.25
N ASP A 180 -10.61 -26.83 0.48
CA ASP A 180 -10.76 -27.86 1.51
C ASP A 180 -10.76 -27.25 2.92
N THR A 181 -11.25 -28.02 3.89
CA THR A 181 -11.47 -27.52 5.25
C THR A 181 -10.21 -27.10 5.98
N GLN A 182 -9.14 -27.89 5.87
CA GLN A 182 -7.87 -27.57 6.55
C GLN A 182 -7.33 -26.21 6.09
N THR A 183 -7.40 -25.95 4.79
CA THR A 183 -6.93 -24.68 4.24
C THR A 183 -7.83 -23.52 4.69
N GLU A 184 -9.14 -23.69 4.57
CA GLU A 184 -10.12 -22.72 5.06
C GLU A 184 -9.84 -22.37 6.53
N GLN A 185 -9.59 -23.39 7.34
CA GLN A 185 -9.38 -23.19 8.78
C GLN A 185 -8.05 -22.51 9.10
N ARG A 186 -6.99 -22.91 8.41
CA ARG A 186 -5.67 -22.33 8.63
C ARG A 186 -5.67 -20.85 8.25
N LEU A 187 -6.33 -20.53 7.14
CA LEU A 187 -6.35 -19.17 6.60
C LEU A 187 -7.50 -18.34 7.16
N GLY A 188 -8.38 -18.98 7.92
CA GLY A 188 -9.54 -18.30 8.50
C GLY A 188 -10.51 -17.80 7.44
N LEU A 189 -10.69 -18.61 6.39
CA LEU A 189 -11.57 -18.27 5.28
C LEU A 189 -12.91 -19.00 5.39
N ARG A 190 -13.99 -18.23 5.24
CA ARG A 190 -15.34 -18.78 5.25
C ARG A 190 -15.97 -18.56 3.88
N GLN A 191 -16.48 -19.63 3.29
CA GLN A 191 -17.12 -19.58 1.98
C GLN A 191 -18.54 -19.04 2.12
N VAL A 192 -18.88 -18.03 1.31
CA VAL A 192 -20.21 -17.44 1.31
C VAL A 192 -20.75 -17.30 -0.10
N ALA A 193 -22.07 -17.15 -0.24
CA ALA A 193 -22.67 -16.87 -1.53
C ALA A 193 -22.21 -15.51 -2.06
N CYS A 194 -22.24 -15.34 -3.38
CA CYS A 194 -21.78 -14.11 -4.01
C CYS A 194 -22.54 -12.89 -3.51
N SER A 195 -23.86 -13.02 -3.44
CA SER A 195 -24.72 -11.95 -2.92
C SER A 195 -24.35 -11.57 -1.47
N GLU A 196 -24.12 -12.57 -0.63
CA GLU A 196 -23.74 -12.32 0.77
C GLU A 196 -22.38 -11.62 0.85
N LEU A 197 -21.45 -12.04 -0.02
CA LEU A 197 -20.12 -11.44 -0.12
C LEU A 197 -20.22 -9.93 -0.36
N PHE A 198 -21.03 -9.54 -1.32
CA PHE A 198 -21.20 -8.13 -1.64
C PHE A 198 -21.95 -7.33 -0.58
N ALA A 199 -22.89 -7.96 0.11
CA ALA A 199 -23.69 -7.29 1.14
C ALA A 199 -22.94 -7.13 2.46
N SER A 200 -21.91 -7.94 2.68
CA SER A 200 -21.30 -8.02 4.02
C SER A 200 -19.79 -7.69 4.11
N SER A 201 -19.17 -7.33 2.99
CA SER A 201 -17.72 -7.07 2.99
C SER A 201 -17.39 -5.58 2.98
N ASP A 202 -16.51 -5.17 3.90
CA ASP A 202 -15.99 -3.80 3.92
C ASP A 202 -14.99 -3.54 2.78
N PHE A 203 -14.19 -4.58 2.47
CA PHE A 203 -13.28 -4.59 1.33
C PHE A 203 -13.68 -5.75 0.44
N ILE A 204 -13.75 -5.51 -0.87
CA ILE A 204 -14.03 -6.56 -1.82
C ILE A 204 -12.87 -6.62 -2.79
N LEU A 205 -12.19 -7.76 -2.83
CA LEU A 205 -11.01 -7.94 -3.68
C LEU A 205 -11.34 -8.96 -4.76
N LEU A 206 -11.22 -8.54 -6.02
CA LEU A 206 -11.57 -9.41 -7.15
C LEU A 206 -10.40 -10.27 -7.57
N ALA A 207 -10.66 -11.55 -7.83
CA ALA A 207 -9.61 -12.50 -8.18
C ALA A 207 -10.08 -13.49 -9.25
N LEU A 208 -10.74 -12.97 -10.29
CA LEU A 208 -11.34 -13.78 -11.36
C LEU A 208 -10.67 -13.60 -12.72
N PRO A 209 -10.66 -14.65 -13.55
CA PRO A 209 -10.29 -14.45 -14.95
C PRO A 209 -11.45 -13.82 -15.71
N LEU A 210 -11.16 -13.26 -16.88
CA LEU A 210 -12.22 -12.75 -17.73
C LEU A 210 -12.64 -13.82 -18.72
N ASN A 211 -13.91 -14.18 -18.66
CA ASN A 211 -14.51 -15.11 -19.62
C ASN A 211 -16.00 -14.83 -19.79
N ALA A 212 -16.70 -15.67 -20.55
CA ALA A 212 -18.12 -15.46 -20.81
C ALA A 212 -18.94 -15.36 -19.52
N ASP A 213 -18.60 -16.19 -18.53
CA ASP A 213 -19.32 -16.24 -17.25
C ASP A 213 -19.02 -15.06 -16.31
N THR A 214 -17.85 -14.45 -16.46
CA THR A 214 -17.44 -13.38 -15.53
C THR A 214 -17.56 -11.97 -16.12
N LEU A 215 -17.85 -11.88 -17.43
CA LEU A 215 -18.02 -10.58 -18.09
C LEU A 215 -19.13 -9.79 -17.40
N HIS A 216 -18.78 -8.62 -16.89
CA HIS A 216 -19.76 -7.74 -16.21
C HIS A 216 -20.47 -8.44 -15.04
N LEU A 217 -19.77 -9.38 -14.41
CA LEU A 217 -20.30 -10.08 -13.25
C LEU A 217 -20.56 -9.10 -12.10
N VAL A 218 -19.61 -8.21 -11.85
CA VAL A 218 -19.77 -7.15 -10.85
C VAL A 218 -20.54 -6.02 -11.53
N ASN A 219 -21.86 -6.12 -11.48
CA ASN A 219 -22.77 -5.21 -12.19
C ASN A 219 -23.57 -4.37 -11.20
N ALA A 220 -24.55 -3.63 -11.70
CA ALA A 220 -25.39 -2.79 -10.86
C ALA A 220 -26.11 -3.57 -9.76
N GLU A 221 -26.56 -4.80 -10.07
CA GLU A 221 -27.27 -5.63 -9.10
C GLU A 221 -26.41 -5.92 -7.86
N LEU A 222 -25.16 -6.31 -8.10
CA LEU A 222 -24.25 -6.65 -7.01
C LEU A 222 -23.80 -5.42 -6.23
N LEU A 223 -23.47 -4.35 -6.95
CA LEU A 223 -23.03 -3.11 -6.32
C LEU A 223 -24.12 -2.47 -5.46
N ALA A 224 -25.38 -2.72 -5.82
CA ALA A 224 -26.51 -2.20 -5.06
C ALA A 224 -26.63 -2.80 -3.65
N LEU A 225 -25.96 -3.93 -3.44
CA LEU A 225 -26.00 -4.65 -2.16
C LEU A 225 -24.98 -4.18 -1.13
N VAL A 226 -23.92 -3.51 -1.60
CA VAL A 226 -22.79 -3.20 -0.72
C VAL A 226 -23.14 -2.27 0.44
N ARG A 227 -22.42 -2.46 1.54
CA ARG A 227 -22.47 -1.53 2.66
C ARG A 227 -22.06 -0.15 2.21
N PRO A 228 -22.77 0.90 2.67
CA PRO A 228 -22.31 2.26 2.41
C PRO A 228 -20.86 2.43 2.86
N GLY A 229 -19.99 2.78 1.90
CA GLY A 229 -18.58 2.97 2.17
C GLY A 229 -17.67 1.81 1.82
N ALA A 230 -18.26 0.70 1.36
CA ALA A 230 -17.49 -0.47 0.97
C ALA A 230 -16.47 -0.13 -0.12
N LEU A 231 -15.30 -0.76 -0.05
CA LEU A 231 -14.21 -0.47 -0.98
C LEU A 231 -13.96 -1.63 -1.92
N LEU A 232 -13.93 -1.34 -3.22
CA LEU A 232 -13.76 -2.37 -4.25
C LEU A 232 -12.38 -2.28 -4.91
N VAL A 233 -11.68 -3.41 -4.99
CA VAL A 233 -10.33 -3.45 -5.58
C VAL A 233 -10.28 -4.48 -6.71
N ASN A 234 -9.90 -4.04 -7.90
CA ASN A 234 -9.85 -4.91 -9.06
C ASN A 234 -8.44 -5.03 -9.65
N PRO A 235 -7.72 -6.12 -9.30
CA PRO A 235 -6.41 -6.42 -9.87
C PRO A 235 -6.43 -7.51 -10.95
N CYS A 236 -7.63 -7.91 -11.39
CA CYS A 236 -7.74 -9.05 -12.32
C CYS A 236 -7.93 -8.63 -13.78
N ARG A 237 -9.18 -8.40 -14.19
CA ARG A 237 -9.49 -7.90 -15.54
C ARG A 237 -10.55 -6.80 -15.45
N GLY A 238 -10.41 -5.76 -16.28
CA GLY A 238 -11.35 -4.65 -16.25
C GLY A 238 -12.79 -5.09 -16.39
N SER A 239 -13.07 -5.89 -17.43
CA SER A 239 -14.44 -6.25 -17.80
C SER A 239 -15.15 -7.23 -16.86
N VAL A 240 -14.48 -7.66 -15.80
CA VAL A 240 -15.16 -8.39 -14.73
C VAL A 240 -16.14 -7.45 -14.02
N VAL A 241 -15.85 -6.15 -14.07
CA VAL A 241 -16.77 -5.14 -13.54
C VAL A 241 -17.39 -4.33 -14.68
N ASP A 242 -18.57 -3.79 -14.42
CA ASP A 242 -19.19 -2.78 -15.28
C ASP A 242 -18.77 -1.44 -14.70
N GLU A 243 -17.79 -0.80 -15.33
CA GLU A 243 -17.24 0.48 -14.83
C GLU A 243 -18.27 1.60 -14.78
N ALA A 244 -19.28 1.54 -15.63
CA ALA A 244 -20.36 2.53 -15.58
C ALA A 244 -21.20 2.33 -14.31
N ALA A 245 -21.45 1.07 -13.96
CA ALA A 245 -22.14 0.75 -12.71
C ALA A 245 -21.31 1.14 -11.49
N VAL A 246 -19.99 0.97 -11.59
CA VAL A 246 -19.07 1.38 -10.52
C VAL A 246 -19.12 2.89 -10.32
N LEU A 247 -19.06 3.64 -11.42
CA LEU A 247 -19.07 5.09 -11.34
C LEU A 247 -20.34 5.60 -10.67
N ALA A 248 -21.49 5.03 -11.07
CA ALA A 248 -22.79 5.40 -10.50
C ALA A 248 -22.85 5.11 -9.00
N ALA A 249 -22.28 3.99 -8.59
CA ALA A 249 -22.28 3.62 -7.18
C ALA A 249 -21.37 4.53 -6.37
N LEU A 250 -20.27 4.97 -6.97
CA LEU A 250 -19.39 5.97 -6.36
C LEU A 250 -20.08 7.34 -6.23
N GLU A 251 -20.75 7.77 -7.28
CA GLU A 251 -21.36 9.10 -7.28
C GLU A 251 -22.47 9.27 -6.25
N ARG A 252 -23.25 8.20 -6.02
CA ARG A 252 -24.31 8.23 -5.02
C ARG A 252 -23.73 8.07 -3.60
N GLY A 253 -22.45 7.70 -3.53
CA GLY A 253 -21.78 7.50 -2.24
C GLY A 253 -22.08 6.18 -1.57
N GLN A 254 -22.58 5.20 -2.33
CA GLN A 254 -22.79 3.85 -1.78
C GLN A 254 -21.47 3.07 -1.78
N LEU A 255 -20.82 3.04 -2.94
CA LEU A 255 -19.45 2.51 -3.01
C LEU A 255 -18.52 3.57 -2.45
N GLY A 256 -17.74 3.20 -1.45
CA GLY A 256 -16.79 4.13 -0.83
C GLY A 256 -15.56 4.44 -1.67
N GLY A 257 -15.22 3.53 -2.58
CA GLY A 257 -13.99 3.67 -3.35
C GLY A 257 -13.82 2.53 -4.34
N TYR A 258 -13.09 2.82 -5.41
CA TYR A 258 -12.73 1.80 -6.40
C TYR A 258 -11.25 1.97 -6.73
N ALA A 259 -10.49 0.90 -6.55
CA ALA A 259 -9.11 0.85 -6.96
C ALA A 259 -8.99 -0.21 -8.04
N ALA A 260 -8.25 0.08 -9.11
CA ALA A 260 -8.10 -0.87 -10.22
C ALA A 260 -6.73 -0.78 -10.85
N ASP A 261 -6.18 -1.94 -11.20
CA ASP A 261 -4.94 -2.03 -11.98
C ASP A 261 -5.27 -2.34 -13.45
N VAL A 262 -6.55 -2.60 -13.71
CA VAL A 262 -7.00 -3.11 -15.02
C VAL A 262 -8.32 -2.45 -15.43
N PHE A 263 -8.56 -2.35 -16.74
CA PHE A 263 -9.68 -1.56 -17.27
C PHE A 263 -10.34 -2.20 -18.48
N GLU A 264 -11.65 -1.98 -18.61
CA GLU A 264 -12.45 -2.55 -19.71
C GLU A 264 -11.85 -2.24 -21.09
N MET A 265 -11.24 -1.06 -21.21
CA MET A 265 -10.63 -0.64 -22.49
C MET A 265 -9.47 -1.52 -22.97
N GLU A 266 -8.90 -2.32 -22.06
CA GLU A 266 -7.79 -3.22 -22.37
C GLU A 266 -8.23 -4.56 -22.93
N ASP A 267 -9.53 -4.82 -22.87
CA ASP A 267 -10.05 -6.15 -23.15
C ASP A 267 -10.39 -6.27 -24.65
N TRP A 268 -9.33 -6.39 -25.43
CA TRP A 268 -9.36 -6.22 -26.89
C TRP A 268 -10.32 -7.17 -27.60
N ALA A 269 -10.48 -8.37 -27.06
CA ALA A 269 -11.38 -9.40 -27.62
C ALA A 269 -12.86 -9.00 -27.63
N ARG A 270 -13.23 -8.07 -26.74
CA ARG A 270 -14.58 -7.53 -26.73
C ARG A 270 -14.79 -6.50 -27.83
N ALA A 271 -15.72 -6.78 -28.75
CA ALA A 271 -16.03 -5.85 -29.84
C ALA A 271 -16.67 -4.55 -29.31
N ASP A 272 -17.36 -4.66 -28.18
CA ASP A 272 -18.07 -3.53 -27.58
C ASP A 272 -17.34 -2.89 -26.40
N ARG A 273 -16.03 -3.12 -26.29
CA ARG A 273 -15.25 -2.51 -25.22
C ARG A 273 -15.26 -0.97 -25.35
N PRO A 274 -15.22 -0.25 -24.21
CA PRO A 274 -15.00 1.19 -24.29
C PRO A 274 -13.59 1.50 -24.80
N GLN A 275 -13.41 2.65 -25.42
CA GLN A 275 -12.10 3.01 -25.98
C GLN A 275 -11.23 3.78 -25.01
N GLN A 276 -11.80 4.15 -23.87
CA GLN A 276 -11.08 4.83 -22.80
C GLN A 276 -11.76 4.55 -21.46
N ILE A 277 -11.11 4.97 -20.38
CA ILE A 277 -11.75 5.02 -19.08
C ILE A 277 -12.54 6.34 -19.02
N ASP A 278 -13.80 6.26 -18.60
CA ASP A 278 -14.66 7.44 -18.45
C ASP A 278 -13.93 8.56 -17.68
N PRO A 279 -13.77 9.73 -18.32
CA PRO A 279 -13.19 10.88 -17.65
C PRO A 279 -13.79 11.16 -16.26
N ALA A 280 -15.09 10.90 -16.10
CA ALA A 280 -15.77 11.13 -14.83
C ALA A 280 -15.27 10.16 -13.76
N LEU A 281 -14.92 8.93 -14.16
CA LEU A 281 -14.37 7.94 -13.24
C LEU A 281 -12.95 8.34 -12.83
N LEU A 282 -12.18 8.81 -13.80
CA LEU A 282 -10.83 9.31 -13.55
C LEU A 282 -10.86 10.55 -12.65
N ALA A 283 -11.91 11.34 -12.77
CA ALA A 283 -12.04 12.56 -11.98
C ALA A 283 -12.59 12.34 -10.56
N HIS A 284 -13.14 11.17 -10.29
CA HIS A 284 -13.71 10.90 -8.97
C HIS A 284 -12.61 10.77 -7.90
N PRO A 285 -12.80 11.46 -6.75
CA PRO A 285 -11.77 11.47 -5.70
C PRO A 285 -11.59 10.13 -4.99
N ASN A 286 -12.63 9.30 -4.97
CA ASN A 286 -12.60 8.03 -4.25
C ASN A 286 -12.11 6.88 -5.12
N THR A 287 -10.94 7.10 -5.72
CA THR A 287 -10.38 6.14 -6.68
C THR A 287 -8.87 6.07 -6.54
N LEU A 288 -8.30 4.96 -6.99
CA LEU A 288 -6.86 4.79 -7.05
C LEU A 288 -6.58 3.85 -8.20
N PHE A 289 -5.75 4.27 -9.16
CA PHE A 289 -5.54 3.53 -10.40
C PHE A 289 -4.07 3.29 -10.69
N THR A 290 -3.78 2.15 -11.30
CA THR A 290 -2.44 1.83 -11.77
C THR A 290 -2.55 1.24 -13.19
N PRO A 291 -1.53 1.47 -14.04
CA PRO A 291 -1.67 1.13 -15.46
C PRO A 291 -1.25 -0.30 -15.82
N HIS A 292 -1.97 -1.27 -15.26
CA HIS A 292 -1.69 -2.70 -15.47
C HIS A 292 -0.26 -3.05 -15.05
N ILE A 293 0.09 -2.67 -13.82
CA ILE A 293 1.42 -2.90 -13.30
C ILE A 293 1.47 -4.03 -12.26
N GLY A 294 0.43 -4.86 -12.24
CA GLY A 294 0.35 -6.03 -11.36
C GLY A 294 1.62 -6.86 -11.25
N SER A 295 2.25 -7.16 -12.38
CA SER A 295 3.48 -7.96 -12.36
C SER A 295 4.74 -7.13 -12.65
N ALA A 296 4.61 -5.81 -12.58
CA ALA A 296 5.71 -4.88 -12.88
C ALA A 296 6.73 -4.80 -11.75
N VAL A 297 7.35 -5.94 -11.47
CA VAL A 297 8.48 -6.03 -10.55
C VAL A 297 9.65 -6.46 -11.42
N ARG A 298 10.72 -5.66 -11.40
CA ARG A 298 11.88 -5.83 -12.29
C ARG A 298 12.36 -7.29 -12.43
N ALA A 299 12.66 -7.92 -11.29
CA ALA A 299 13.17 -9.29 -11.28
C ALA A 299 12.18 -10.29 -11.84
N VAL A 300 10.89 -10.07 -11.55
CA VAL A 300 9.82 -10.96 -12.01
C VAL A 300 9.60 -10.85 -13.52
N ARG A 301 9.58 -9.63 -14.05
CA ARG A 301 9.45 -9.46 -15.50
C ARG A 301 10.57 -10.18 -16.28
N LEU A 302 11.79 -10.14 -15.74
CA LEU A 302 12.89 -10.88 -16.36
C LEU A 302 12.57 -12.37 -16.43
N GLU A 303 12.07 -12.93 -15.33
CA GLU A 303 11.74 -14.36 -15.28
C GLU A 303 10.52 -14.72 -16.15
N ILE A 304 9.58 -13.79 -16.27
CA ILE A 304 8.43 -13.96 -17.15
C ILE A 304 8.86 -14.02 -18.62
N GLU A 305 9.76 -13.12 -19.02
CA GLU A 305 10.30 -13.10 -20.37
C GLU A 305 11.09 -14.37 -20.65
N ARG A 306 11.84 -14.82 -19.64
CA ARG A 306 12.64 -16.04 -19.74
C ARG A 306 11.73 -17.26 -19.96
N CYS A 307 10.62 -17.30 -19.23
CA CYS A 307 9.64 -18.38 -19.36
C CYS A 307 9.04 -18.44 -20.75
N ALA A 308 8.60 -17.29 -21.27
CA ALA A 308 8.04 -17.22 -22.62
C ALA A 308 9.09 -17.66 -23.65
N ALA A 309 10.31 -17.16 -23.49
CA ALA A 309 11.41 -17.53 -24.39
C ALA A 309 11.70 -19.04 -24.38
N GLN A 310 11.75 -19.63 -23.19
CA GLN A 310 12.02 -21.07 -23.06
C GLN A 310 10.93 -21.90 -23.71
N ASN A 311 9.68 -21.47 -23.55
CA ASN A 311 8.53 -22.14 -24.15
C ASN A 311 8.59 -22.08 -25.68
N ILE A 312 8.91 -20.91 -26.21
CA ILE A 312 9.06 -20.70 -27.65
C ILE A 312 10.17 -21.60 -28.22
N LEU A 313 11.32 -21.63 -27.54
CA LEU A 313 12.45 -22.46 -27.96
C LEU A 313 12.11 -23.97 -27.97
N GLN A 314 11.39 -24.42 -26.95
CA GLN A 314 10.90 -25.80 -26.90
C GLN A 314 10.05 -26.13 -28.11
N ALA A 315 9.06 -25.27 -28.40
CA ALA A 315 8.17 -25.46 -29.55
C ALA A 315 8.91 -25.50 -30.88
N LEU A 316 9.88 -24.61 -31.04
CA LEU A 316 10.67 -24.54 -32.29
C LEU A 316 11.59 -25.76 -32.46
N ALA A 317 11.94 -26.39 -31.33
CA ALA A 317 12.73 -27.62 -31.33
C ALA A 317 11.87 -28.84 -31.62
N GLY A 318 10.55 -28.64 -31.68
CA GLY A 318 9.61 -29.70 -32.02
C GLY A 318 8.99 -30.41 -30.83
N GLU A 319 9.29 -29.95 -29.62
CA GLU A 319 8.69 -30.54 -28.42
C GLU A 319 7.51 -29.72 -27.90
N ARG A 320 6.69 -30.36 -27.08
CA ARG A 320 5.57 -29.68 -26.43
C ARG A 320 6.11 -28.70 -25.40
N PRO A 321 5.75 -27.40 -25.53
CA PRO A 321 6.16 -26.42 -24.54
C PRO A 321 5.62 -26.77 -23.16
N ILE A 322 6.46 -26.64 -22.14
CA ILE A 322 6.08 -27.00 -20.78
C ILE A 322 4.81 -26.27 -20.30
N ASN A 323 4.67 -25.00 -20.69
CA ASN A 323 3.51 -24.21 -20.32
C ASN A 323 2.54 -23.98 -21.49
N ALA A 324 2.43 -24.96 -22.37
CA ALA A 324 1.41 -24.93 -23.41
C ALA A 324 0.03 -24.94 -22.78
N VAL A 325 -0.86 -24.11 -23.30
CA VAL A 325 -2.23 -24.03 -22.82
C VAL A 325 -3.11 -25.00 -23.58
N ASN A 326 -2.68 -25.36 -24.78
CA ASN A 326 -3.45 -26.26 -25.63
C ASN A 326 -2.74 -27.58 -25.92
N ARG A 327 -3.46 -28.50 -26.57
CA ARG A 327 -2.93 -29.80 -26.93
C ARG A 327 -3.04 -29.99 -28.44
N LEU A 328 -1.96 -30.45 -29.06
CA LEU A 328 -1.91 -30.64 -30.51
C LEU A 328 -1.65 -32.11 -30.89
N PRO A 329 -1.80 -32.44 -32.19
CA PRO A 329 -1.43 -33.77 -32.71
C PRO A 329 -0.07 -34.27 -32.22
N MET B 1 -17.83 24.20 41.69
CA MET B 1 -16.57 24.44 40.93
C MET B 1 -15.89 23.15 40.50
N LEU B 2 -16.29 22.65 39.33
CA LEU B 2 -15.67 21.48 38.72
C LEU B 2 -14.26 21.84 38.23
N PRO B 3 -13.31 20.89 38.29
CA PRO B 3 -11.96 21.18 37.77
C PRO B 3 -12.01 21.51 36.27
N LYS B 4 -11.17 22.46 35.85
CA LYS B 4 -11.19 22.94 34.47
C LYS B 4 -10.33 22.05 33.58
N LEU B 5 -10.92 21.59 32.48
CA LEU B 5 -10.18 20.79 31.50
C LEU B 5 -10.12 21.51 30.15
N VAL B 6 -8.90 21.74 29.69
CA VAL B 6 -8.64 22.37 28.40
C VAL B 6 -8.39 21.28 27.37
N ILE B 7 -9.22 21.27 26.33
CA ILE B 7 -9.08 20.31 25.23
C ILE B 7 -8.63 21.08 24.00
N THR B 8 -7.40 20.83 23.55
CA THR B 8 -6.78 21.72 22.54
C THR B 8 -7.32 21.55 21.13
N HIS B 9 -7.94 20.41 20.86
CA HIS B 9 -8.44 20.13 19.52
C HIS B 9 -9.85 19.53 19.60
N ARG B 10 -10.52 19.45 18.45
CA ARG B 10 -11.90 18.99 18.42
C ARG B 10 -12.01 17.54 18.89
N VAL B 11 -13.11 17.27 19.57
CA VAL B 11 -13.38 15.99 20.16
C VAL B 11 -14.81 15.61 19.79
N HIS B 12 -15.12 14.32 19.80
CA HIS B 12 -16.48 13.84 19.56
C HIS B 12 -17.42 14.31 20.66
N GLU B 13 -18.68 14.53 20.29
CA GLU B 13 -19.71 14.94 21.25
C GLU B 13 -19.85 13.95 22.42
N GLU B 14 -19.68 12.67 22.11
CA GLU B 14 -19.69 11.59 23.10
C GLU B 14 -18.64 11.80 24.20
N ILE B 15 -17.49 12.34 23.81
CA ILE B 15 -16.39 12.60 24.74
C ILE B 15 -16.69 13.79 25.66
N LEU B 16 -17.27 14.85 25.10
CA LEU B 16 -17.72 15.98 25.91
C LEU B 16 -18.77 15.55 26.93
N GLN B 17 -19.71 14.72 26.48
CA GLN B 17 -20.76 14.17 27.34
C GLN B 17 -20.18 13.29 28.46
N LEU B 18 -19.13 12.54 28.14
CA LEU B 18 -18.42 11.73 29.13
C LEU B 18 -17.74 12.59 30.21
N LEU B 19 -17.13 13.70 29.78
CA LEU B 19 -16.34 14.55 30.67
C LEU B 19 -17.17 15.57 31.45
N ALA B 20 -18.29 16.01 30.87
CA ALA B 20 -19.11 17.12 31.39
C ALA B 20 -19.50 17.07 32.87
N PRO B 21 -19.93 15.89 33.39
CA PRO B 21 -20.31 15.81 34.81
C PRO B 21 -19.14 15.97 35.77
N HIS B 22 -17.91 15.85 35.26
CA HIS B 22 -16.72 15.86 36.10
C HIS B 22 -15.84 17.09 35.91
N CYS B 23 -16.03 17.81 34.80
CA CYS B 23 -15.14 18.91 34.43
C CYS B 23 -15.88 20.11 33.87
N GLU B 24 -15.31 21.30 34.13
CA GLU B 24 -15.63 22.46 33.33
C GLU B 24 -14.82 22.35 32.05
N LEU B 25 -15.51 22.34 30.92
CA LEU B 25 -14.85 22.08 29.64
C LEU B 25 -14.48 23.36 28.89
N ILE B 26 -13.18 23.53 28.66
CA ILE B 26 -12.69 24.61 27.82
C ILE B 26 -12.23 23.98 26.52
N THR B 27 -13.07 24.09 25.50
CA THR B 27 -12.95 23.27 24.30
C THR B 27 -12.46 24.04 23.08
N ASN B 28 -12.02 23.30 22.07
CA ASN B 28 -11.71 23.85 20.75
C ASN B 28 -12.42 23.01 19.70
N GLN B 29 -13.73 23.21 19.58
CA GLN B 29 -14.55 22.43 18.66
C GLN B 29 -14.49 22.98 17.23
N THR B 30 -13.27 23.19 16.74
CA THR B 30 -13.03 23.67 15.39
C THR B 30 -12.07 22.73 14.67
N ASP B 31 -11.80 23.00 13.40
CA ASP B 31 -10.83 22.21 12.63
C ASP B 31 -9.41 22.81 12.69
N SER B 32 -9.25 23.86 13.49
CA SER B 32 -7.99 24.59 13.55
C SER B 32 -7.12 24.23 14.76
N THR B 33 -5.81 24.47 14.59
CA THR B 33 -4.87 24.41 15.69
C THR B 33 -4.65 25.84 16.19
N LEU B 34 -4.84 26.04 17.50
CA LEU B 34 -4.65 27.34 18.12
C LEU B 34 -3.18 27.64 18.37
N THR B 35 -2.86 28.91 18.61
CA THR B 35 -1.47 29.31 18.88
C THR B 35 -1.04 28.80 20.26
N ARG B 36 0.26 28.61 20.43
CA ARG B 36 0.83 28.21 21.72
C ARG B 36 0.43 29.18 22.82
N GLU B 37 0.43 30.47 22.48
CA GLU B 37 0.06 31.55 23.40
C GLU B 37 -1.37 31.41 23.91
N GLU B 38 -2.29 31.09 23.01
CA GLU B 38 -3.70 30.93 23.37
C GLU B 38 -3.93 29.68 24.22
N ILE B 39 -3.26 28.59 23.86
CA ILE B 39 -3.31 27.35 24.64
C ILE B 39 -2.80 27.59 26.06
N LEU B 40 -1.68 28.30 26.17
CA LEU B 40 -1.09 28.65 27.47
C LEU B 40 -2.04 29.51 28.30
N ARG B 41 -2.73 30.45 27.65
CA ARG B 41 -3.71 31.30 28.31
C ARG B 41 -4.87 30.48 28.89
N ARG B 42 -5.41 29.56 28.10
CA ARG B 42 -6.51 28.71 28.56
C ARG B 42 -6.09 27.83 29.74
N CYS B 43 -4.84 27.36 29.73
CA CYS B 43 -4.36 26.40 30.73
C CYS B 43 -3.90 27.03 32.04
N ARG B 44 -3.81 28.36 32.05
CA ARG B 44 -3.33 29.14 33.21
C ARG B 44 -3.86 28.61 34.54
N ASP B 45 -5.18 28.46 34.64
CA ASP B 45 -5.82 27.99 35.86
C ASP B 45 -6.51 26.63 35.68
N ALA B 46 -6.04 25.85 34.72
CA ALA B 46 -6.62 24.56 34.42
C ALA B 46 -6.07 23.47 35.31
N GLN B 47 -6.92 22.49 35.63
CA GLN B 47 -6.51 21.34 36.42
C GLN B 47 -6.12 20.17 35.53
N ALA B 48 -6.52 20.22 34.26
CA ALA B 48 -6.23 19.15 33.32
C ALA B 48 -6.16 19.66 31.89
N MET B 49 -5.39 18.96 31.06
CA MET B 49 -5.24 19.29 29.65
C MET B 49 -5.35 18.00 28.84
N MET B 50 -6.16 18.02 27.77
CA MET B 50 -6.09 16.94 26.80
C MET B 50 -5.29 17.45 25.62
N ALA B 51 -4.16 16.80 25.38
CA ALA B 51 -3.19 17.26 24.39
C ALA B 51 -3.16 16.36 23.16
N PHE B 52 -2.78 16.95 22.03
CA PHE B 52 -2.76 16.28 20.73
C PHE B 52 -1.39 16.47 20.06
N MET B 53 -1.25 15.96 18.84
CA MET B 53 0.04 16.01 18.13
C MET B 53 0.74 17.38 18.06
N PRO B 54 -0.02 18.46 17.74
CA PRO B 54 0.68 19.75 17.60
C PRO B 54 1.08 20.40 18.93
N ASP B 55 0.69 19.79 20.05
CA ASP B 55 0.96 20.38 21.36
C ASP B 55 2.38 20.13 21.84
N ARG B 56 2.92 21.12 22.54
CA ARG B 56 4.25 21.05 23.11
C ARG B 56 4.17 21.61 24.53
N VAL B 57 4.63 20.83 25.51
CA VAL B 57 4.65 21.26 26.91
C VAL B 57 6.07 21.15 27.47
N ASP B 58 6.68 22.31 27.71
CA ASP B 58 8.01 22.38 28.31
C ASP B 58 7.91 22.79 29.78
N ALA B 59 9.05 22.84 30.48
CA ALA B 59 9.08 23.18 31.90
C ALA B 59 8.46 24.56 32.18
N ASP B 60 8.67 25.49 31.25
CA ASP B 60 8.16 26.86 31.37
C ASP B 60 6.63 26.93 31.27
N PHE B 61 6.07 26.13 30.37
CA PHE B 61 4.62 25.96 30.24
C PHE B 61 4.04 25.48 31.58
N LEU B 62 4.64 24.42 32.13
CA LEU B 62 4.14 23.85 33.38
C LEU B 62 4.24 24.82 34.54
N GLN B 63 5.31 25.61 34.57
CA GLN B 63 5.52 26.59 35.65
C GLN B 63 4.40 27.66 35.63
N ALA B 64 3.99 28.04 34.43
CA ALA B 64 2.92 29.03 34.23
C ALA B 64 1.52 28.46 34.46
N CYS B 65 1.43 27.14 34.60
CA CYS B 65 0.15 26.45 34.84
C CYS B 65 0.23 25.60 36.11
N PRO B 66 0.28 26.27 37.27
CA PRO B 66 0.61 25.58 38.53
C PRO B 66 -0.47 24.60 39.03
N GLU B 67 -1.68 24.69 38.51
CA GLU B 67 -2.79 23.86 38.97
C GLU B 67 -2.96 22.57 38.15
N LEU B 68 -2.16 22.39 37.11
CA LEU B 68 -2.27 21.20 36.26
C LEU B 68 -1.94 19.93 37.04
N ARG B 69 -2.84 18.96 36.95
CA ARG B 69 -2.72 17.71 37.67
C ARG B 69 -2.42 16.56 36.71
N VAL B 70 -2.87 16.72 35.48
CA VAL B 70 -2.70 15.70 34.45
C VAL B 70 -2.70 16.31 33.06
N ILE B 71 -1.79 15.81 32.23
CA ILE B 71 -1.82 16.09 30.81
C ILE B 71 -2.10 14.75 30.13
N GLY B 72 -3.31 14.59 29.61
CA GLY B 72 -3.71 13.37 28.93
C GLY B 72 -3.51 13.50 27.45
N CYS B 73 -2.51 12.79 26.92
CA CYS B 73 -2.14 12.89 25.52
C CYS B 73 -2.86 11.87 24.67
N ALA B 74 -3.46 12.35 23.58
CA ALA B 74 -4.16 11.51 22.63
C ALA B 74 -3.19 11.08 21.53
N LEU B 75 -2.10 10.43 21.94
CA LEU B 75 -1.02 10.05 21.04
C LEU B 75 -0.11 9.01 21.71
N LYS B 76 0.85 8.51 20.95
CA LYS B 76 1.82 7.54 21.48
C LYS B 76 3.19 8.17 21.77
N GLY B 77 3.70 8.93 20.81
CA GLY B 77 5.01 9.59 20.96
C GLY B 77 4.90 10.92 21.69
N PHE B 78 5.32 10.94 22.95
CA PHE B 78 5.24 12.12 23.80
C PHE B 78 6.54 12.95 23.83
N ASP B 79 7.30 12.92 22.72
CA ASP B 79 8.58 13.64 22.63
C ASP B 79 8.48 15.16 22.82
N ASN B 80 7.33 15.75 22.51
CA ASN B 80 7.11 17.19 22.72
C ASN B 80 6.60 17.57 24.10
N PHE B 81 6.59 16.60 25.01
CA PHE B 81 6.16 16.81 26.39
C PHE B 81 7.31 16.47 27.32
N ASP B 82 7.68 17.43 28.17
CA ASP B 82 8.79 17.24 29.11
C ASP B 82 8.34 16.36 30.28
N VAL B 83 8.56 15.05 30.15
CA VAL B 83 8.11 14.09 31.16
C VAL B 83 8.80 14.32 32.50
N ASP B 84 10.12 14.54 32.46
CA ASP B 84 10.90 14.83 33.67
C ASP B 84 10.34 16.04 34.42
N ALA B 85 10.01 17.10 33.70
CA ALA B 85 9.42 18.31 34.29
C ALA B 85 8.03 18.03 34.86
N CYS B 86 7.23 17.22 34.16
CA CYS B 86 5.92 16.79 34.67
C CYS B 86 6.08 16.08 36.01
N THR B 87 6.99 15.11 36.05
CA THR B 87 7.27 14.35 37.27
C THR B 87 7.72 15.26 38.42
N ALA B 88 8.67 16.15 38.15
CA ALA B 88 9.19 17.08 39.16
C ALA B 88 8.09 17.95 39.78
N ARG B 89 7.09 18.30 38.97
CA ARG B 89 5.98 19.15 39.39
C ARG B 89 4.77 18.37 39.92
N GLY B 90 4.90 17.04 39.98
CA GLY B 90 3.80 16.18 40.43
C GLY B 90 2.61 16.17 39.48
N VAL B 91 2.90 16.22 38.19
CA VAL B 91 1.89 16.19 37.14
C VAL B 91 1.96 14.85 36.40
N TRP B 92 0.81 14.18 36.32
CA TRP B 92 0.68 12.95 35.55
C TRP B 92 0.77 13.28 34.06
N LEU B 93 1.53 12.46 33.34
CA LEU B 93 1.54 12.51 31.88
C LEU B 93 1.06 11.17 31.35
N THR B 94 -0.01 11.19 30.57
CA THR B 94 -0.59 9.94 30.07
C THR B 94 -0.54 9.87 28.55
N PHE B 95 -0.46 8.65 28.03
CA PHE B 95 -0.49 8.43 26.58
C PHE B 95 -1.52 7.37 26.18
N VAL B 96 -1.49 6.99 24.90
CA VAL B 96 -2.39 5.97 24.35
C VAL B 96 -1.47 4.88 23.78
N PRO B 97 -1.27 3.80 24.56
CA PRO B 97 -0.19 2.85 24.25
C PRO B 97 -0.42 1.94 23.04
N ASP B 98 -1.66 1.63 22.72
CA ASP B 98 -1.96 0.58 21.72
C ASP B 98 -2.81 0.98 20.52
N LEU B 99 -3.76 1.89 20.73
CA LEU B 99 -4.76 2.18 19.69
C LEU B 99 -4.23 2.74 18.36
N LEU B 100 -3.07 3.39 18.40
CA LEU B 100 -2.46 3.96 17.21
C LEU B 100 -1.59 2.96 16.45
N THR B 101 -1.25 1.86 17.11
CA THR B 101 -0.28 0.88 16.59
C THR B 101 -0.66 0.31 15.22
N VAL B 102 -1.82 -0.34 15.16
CA VAL B 102 -2.26 -1.06 13.96
C VAL B 102 -2.56 -0.16 12.75
N PRO B 103 -3.30 0.95 12.95
CA PRO B 103 -3.50 1.86 11.81
C PRO B 103 -2.18 2.35 11.21
N THR B 104 -1.19 2.62 12.06
CA THR B 104 0.13 3.08 11.60
C THR B 104 0.91 2.00 10.87
N ALA B 105 0.89 0.78 11.41
CA ALA B 105 1.53 -0.37 10.77
C ALA B 105 0.92 -0.68 9.39
N GLU B 106 -0.41 -0.62 9.30
CA GLU B 106 -1.10 -0.78 8.01
C GLU B 106 -0.62 0.26 6.99
N LEU B 107 -0.60 1.53 7.40
CA LEU B 107 -0.14 2.60 6.52
C LEU B 107 1.31 2.41 6.10
N ALA B 108 2.17 2.05 7.05
CA ALA B 108 3.59 1.84 6.77
C ALA B 108 3.79 0.79 5.68
N ILE B 109 3.04 -0.30 5.75
CA ILE B 109 3.14 -1.35 4.72
C ILE B 109 2.57 -0.87 3.39
N GLY B 110 1.49 -0.10 3.45
CA GLY B 110 0.94 0.54 2.24
C GLY B 110 1.94 1.47 1.57
N LEU B 111 2.68 2.24 2.38
CA LEU B 111 3.75 3.09 1.86
C LEU B 111 4.89 2.29 1.27
N ALA B 112 5.27 1.19 1.91
CA ALA B 112 6.33 0.33 1.38
C ALA B 112 5.97 -0.21 -0.01
N VAL B 113 4.74 -0.69 -0.15
CA VAL B 113 4.26 -1.22 -1.42
C VAL B 113 4.15 -0.09 -2.45
N GLY B 114 3.51 1.02 -2.05
CA GLY B 114 3.32 2.17 -2.94
C GLY B 114 4.62 2.76 -3.44
N LEU B 115 5.58 2.92 -2.53
CA LEU B 115 6.91 3.44 -2.89
C LEU B 115 7.63 2.50 -3.85
N GLY B 116 7.67 1.21 -3.50
CA GLY B 116 8.36 0.20 -4.31
C GLY B 116 7.78 0.07 -5.71
N ARG B 117 6.49 0.35 -5.84
CA ARG B 117 5.76 0.09 -7.09
C ARG B 117 5.44 1.34 -7.90
N HIS B 118 5.91 2.49 -7.45
CA HIS B 118 5.72 3.78 -8.14
C HIS B 118 4.24 4.20 -8.21
N LEU B 119 3.53 3.98 -7.10
CA LEU B 119 2.09 4.25 -7.04
C LEU B 119 1.73 5.68 -7.46
N ARG B 120 2.50 6.66 -6.98
CA ARG B 120 2.21 8.08 -7.26
C ARG B 120 2.19 8.38 -8.77
N ALA B 121 3.28 8.02 -9.45
CA ALA B 121 3.41 8.27 -10.89
C ALA B 121 2.46 7.40 -11.71
N ALA B 122 2.25 6.16 -11.24
CA ALA B 122 1.32 5.21 -11.87
C ALA B 122 -0.10 5.76 -11.94
N ASP B 123 -0.61 6.23 -10.80
CA ASP B 123 -1.94 6.81 -10.72
C ASP B 123 -2.04 8.11 -11.55
N ALA B 124 -1.05 8.98 -11.43
CA ALA B 124 -1.01 10.21 -12.21
C ALA B 124 -1.13 9.92 -13.72
N PHE B 125 -0.43 8.88 -14.17
CA PHE B 125 -0.45 8.50 -15.58
C PHE B 125 -1.85 8.07 -16.03
N VAL B 126 -2.50 7.21 -15.25
CA VAL B 126 -3.85 6.75 -15.60
C VAL B 126 -4.84 7.93 -15.54
N ARG B 127 -4.71 8.74 -14.50
CA ARG B 127 -5.65 9.85 -14.29
C ARG B 127 -5.53 10.92 -15.38
N SER B 128 -4.38 10.96 -16.06
CA SER B 128 -4.12 11.91 -17.15
C SER B 128 -4.94 11.63 -18.42
N GLY B 129 -5.56 10.44 -18.45
CA GLY B 129 -6.33 10.01 -19.63
C GLY B 129 -5.47 9.46 -20.77
N GLN B 130 -4.17 9.31 -20.54
CA GLN B 130 -3.23 8.87 -21.58
C GLN B 130 -2.95 7.36 -21.58
N PHE B 131 -3.61 6.62 -20.70
CA PHE B 131 -3.40 5.17 -20.60
C PHE B 131 -3.98 4.48 -21.83
N ARG B 132 -3.15 3.66 -22.49
CA ARG B 132 -3.58 2.94 -23.71
C ARG B 132 -3.38 1.42 -23.60
N GLY B 133 -3.03 0.96 -22.40
CA GLY B 133 -2.79 -0.46 -22.16
C GLY B 133 -1.43 -0.69 -21.52
N TRP B 134 -1.11 -1.96 -21.30
CA TRP B 134 0.15 -2.37 -20.69
C TRP B 134 1.35 -1.82 -21.46
N GLN B 135 2.37 -1.39 -20.71
CA GLN B 135 3.66 -1.00 -21.28
C GLN B 135 4.80 -1.61 -20.48
N PRO B 136 6.00 -1.74 -21.09
CA PRO B 136 7.16 -2.20 -20.32
C PRO B 136 7.73 -1.07 -19.46
N ARG B 137 6.87 -0.47 -18.64
CA ARG B 137 7.19 0.69 -17.81
C ARG B 137 6.77 0.46 -16.36
N PHE B 138 7.18 1.37 -15.49
CA PHE B 138 6.85 1.33 -14.06
C PHE B 138 7.32 0.07 -13.35
N TYR B 139 8.38 -0.58 -13.86
CA TYR B 139 8.93 -1.75 -13.18
C TYR B 139 9.48 -1.30 -11.83
N GLY B 140 9.16 -2.05 -10.78
CA GLY B 140 9.57 -1.65 -9.44
C GLY B 140 10.10 -2.78 -8.60
N THR B 141 9.96 -2.60 -7.29
CA THR B 141 10.53 -3.49 -6.30
C THR B 141 9.42 -4.06 -5.43
N GLY B 142 9.42 -5.38 -5.28
CA GLY B 142 8.44 -6.08 -4.45
C GLY B 142 9.02 -6.59 -3.14
N LEU B 143 8.14 -7.10 -2.29
CA LEU B 143 8.55 -7.64 -0.99
C LEU B 143 8.99 -9.09 -1.06
N ASP B 144 8.40 -9.86 -1.97
CA ASP B 144 8.77 -11.26 -2.18
C ASP B 144 10.28 -11.36 -2.43
N ASN B 145 10.93 -12.26 -1.69
CA ASN B 145 12.39 -12.48 -1.77
C ASN B 145 13.28 -11.33 -1.29
N ALA B 146 12.68 -10.25 -0.78
CA ALA B 146 13.46 -9.11 -0.30
C ALA B 146 13.81 -9.28 1.16
N THR B 147 14.83 -8.56 1.61
CA THR B 147 15.12 -8.46 3.03
C THR B 147 14.50 -7.18 3.57
N VAL B 148 13.67 -7.31 4.61
CA VAL B 148 13.05 -6.17 5.27
C VAL B 148 13.68 -6.01 6.63
N GLY B 149 14.24 -4.82 6.87
CA GLY B 149 14.85 -4.52 8.16
C GLY B 149 14.01 -3.54 8.95
N PHE B 150 13.78 -3.88 10.21
CA PHE B 150 13.07 -3.00 11.13
C PHE B 150 14.05 -2.36 12.10
N LEU B 151 13.99 -1.04 12.22
CA LEU B 151 14.79 -0.33 13.20
C LEU B 151 13.87 -0.01 14.35
N GLY B 152 14.03 -0.73 15.45
CA GLY B 152 13.05 -0.67 16.53
C GLY B 152 12.08 -1.82 16.42
N MET B 153 11.76 -2.42 17.57
CA MET B 153 10.88 -3.56 17.60
C MET B 153 9.96 -3.51 18.82
N GLY B 154 9.31 -2.35 18.97
CA GLY B 154 8.23 -2.21 19.94
C GLY B 154 6.89 -2.49 19.27
N ALA B 155 5.87 -1.74 19.66
CA ALA B 155 4.50 -2.02 19.22
C ALA B 155 4.35 -2.02 17.70
N ILE B 156 4.84 -0.97 17.05
CA ILE B 156 4.66 -0.80 15.61
C ILE B 156 5.57 -1.75 14.84
N GLY B 157 6.81 -1.87 15.30
CA GLY B 157 7.73 -2.86 14.71
C GLY B 157 7.10 -4.24 14.69
N LEU B 158 6.52 -4.64 15.82
CA LEU B 158 5.87 -5.94 15.93
C LEU B 158 4.65 -6.08 15.02
N ALA B 159 3.84 -5.03 14.98
CA ALA B 159 2.62 -5.01 14.17
C ALA B 159 2.92 -5.09 12.68
N MET B 160 4.00 -4.43 12.24
CA MET B 160 4.44 -4.49 10.85
C MET B 160 4.97 -5.88 10.52
N ALA B 161 5.73 -6.46 11.46
CA ALA B 161 6.27 -7.80 11.28
C ALA B 161 5.15 -8.83 11.16
N ASP B 162 4.12 -8.69 12.00
CA ASP B 162 2.92 -9.52 11.95
C ASP B 162 2.30 -9.49 10.56
N ARG B 163 2.25 -8.29 10.00
CA ARG B 163 1.55 -8.05 8.75
C ARG B 163 2.35 -8.43 7.52
N LEU B 164 3.63 -8.73 7.70
CA LEU B 164 4.47 -9.17 6.58
C LEU B 164 4.68 -10.68 6.57
N GLN B 165 4.03 -11.39 7.49
CA GLN B 165 4.24 -12.85 7.63
C GLN B 165 4.01 -13.69 6.38
N GLY B 166 3.01 -13.37 5.58
CA GLY B 166 2.79 -14.17 4.37
C GLY B 166 3.50 -13.70 3.11
N TRP B 167 4.47 -12.79 3.24
CA TRP B 167 4.94 -12.01 2.09
C TRP B 167 6.25 -12.48 1.44
N GLY B 168 6.80 -13.59 1.93
CA GLY B 168 7.98 -14.22 1.31
C GLY B 168 9.28 -13.46 1.51
N ALA B 169 9.30 -12.59 2.50
CA ALA B 169 10.47 -11.77 2.79
C ALA B 169 11.31 -12.36 3.92
N THR B 170 12.59 -11.99 3.96
CA THR B 170 13.45 -12.30 5.09
C THR B 170 13.43 -11.11 6.04
N LEU B 171 12.99 -11.35 7.27
CA LEU B 171 12.79 -10.26 8.21
C LEU B 171 13.93 -10.19 9.22
N GLN B 172 14.46 -8.99 9.40
CA GLN B 172 15.51 -8.76 10.39
C GLN B 172 15.25 -7.43 11.11
N TYR B 173 15.85 -7.28 12.28
CA TYR B 173 15.65 -6.07 13.06
C TYR B 173 16.87 -5.68 13.87
N HIS B 174 16.97 -4.40 14.17
CA HIS B 174 17.88 -3.92 15.18
C HIS B 174 17.09 -3.21 16.29
N ALA B 175 17.38 -3.57 17.52
CA ALA B 175 16.76 -2.92 18.67
C ALA B 175 17.83 -2.70 19.72
N ARG B 176 17.51 -1.91 20.75
CA ARG B 176 18.40 -1.76 21.91
C ARG B 176 18.51 -3.06 22.68
N LYS B 177 17.38 -3.76 22.81
CA LYS B 177 17.26 -5.00 23.57
C LYS B 177 16.68 -6.07 22.65
N ALA B 178 17.17 -7.31 22.80
CA ALA B 178 16.64 -8.44 22.02
C ALA B 178 15.16 -8.68 22.32
N LEU B 179 14.40 -9.01 21.28
CA LEU B 179 13.06 -9.55 21.44
C LEU B 179 13.17 -10.91 22.10
N ASP B 180 12.18 -11.24 22.92
CA ASP B 180 12.10 -12.58 23.52
C ASP B 180 12.15 -13.64 22.42
N THR B 181 12.73 -14.80 22.75
CA THR B 181 13.02 -15.82 21.73
C THR B 181 11.75 -16.28 21.02
N GLN B 182 10.68 -16.50 21.78
CA GLN B 182 9.45 -17.05 21.21
C GLN B 182 8.83 -16.13 20.16
N THR B 183 8.80 -14.84 20.44
CA THR B 183 8.27 -13.85 19.49
C THR B 183 9.15 -13.79 18.24
N GLU B 184 10.47 -13.73 18.45
CA GLU B 184 11.45 -13.76 17.37
C GLU B 184 11.23 -14.95 16.44
N GLN B 185 11.11 -16.13 17.05
CA GLN B 185 10.96 -17.37 16.32
C GLN B 185 9.61 -17.48 15.61
N ARG B 186 8.56 -17.00 16.28
CA ARG B 186 7.23 -16.93 15.66
C ARG B 186 7.26 -16.06 14.39
N LEU B 187 7.85 -14.88 14.50
CA LEU B 187 7.81 -13.92 13.38
C LEU B 187 8.93 -14.13 12.35
N GLY B 188 9.84 -15.06 12.63
CA GLY B 188 10.99 -15.30 11.76
C GLY B 188 11.93 -14.11 11.73
N LEU B 189 12.12 -13.47 12.87
CA LEU B 189 12.97 -12.29 12.98
C LEU B 189 14.37 -12.67 13.42
N ARG B 190 15.36 -12.07 12.75
CA ARG B 190 16.77 -12.20 13.11
C ARG B 190 17.28 -10.84 13.60
N GLN B 191 17.94 -10.84 14.75
CA GLN B 191 18.52 -9.61 15.31
C GLN B 191 19.87 -9.31 14.67
N VAL B 192 20.02 -8.08 14.17
CA VAL B 192 21.29 -7.65 13.56
C VAL B 192 21.74 -6.29 14.10
N ALA B 193 23.02 -5.99 13.91
CA ALA B 193 23.56 -4.67 14.22
C ALA B 193 22.91 -3.62 13.32
N CYS B 194 22.83 -2.39 13.80
CA CYS B 194 22.24 -1.29 13.05
C CYS B 194 22.89 -1.10 11.68
N SER B 195 24.23 -1.10 11.63
CA SER B 195 24.97 -0.99 10.37
C SER B 195 24.62 -2.12 9.41
N GLU B 196 24.55 -3.35 9.92
CA GLU B 196 24.18 -4.51 9.11
C GLU B 196 22.76 -4.36 8.55
N LEU B 197 21.85 -3.86 9.37
CA LEU B 197 20.48 -3.58 8.94
C LEU B 197 20.48 -2.69 7.70
N PHE B 198 21.23 -1.60 7.77
CA PHE B 198 21.27 -0.66 6.67
C PHE B 198 22.02 -1.18 5.46
N ALA B 199 23.07 -1.99 5.71
CA ALA B 199 23.88 -2.55 4.63
C ALA B 199 23.20 -3.70 3.85
N SER B 200 22.25 -4.39 4.47
CA SER B 200 21.70 -5.63 3.90
C SER B 200 20.18 -5.68 3.70
N SER B 201 19.49 -4.56 3.90
CA SER B 201 18.02 -4.53 3.75
C SER B 201 17.60 -3.84 2.46
N ASP B 202 16.61 -4.42 1.79
CA ASP B 202 16.04 -3.85 0.58
C ASP B 202 14.93 -2.86 0.95
N PHE B 203 14.26 -3.14 2.07
CA PHE B 203 13.31 -2.22 2.70
C PHE B 203 13.76 -1.97 4.13
N ILE B 204 13.76 -0.70 4.52
CA ILE B 204 14.05 -0.33 5.91
C ILE B 204 12.84 0.38 6.48
N LEU B 205 12.26 -0.21 7.53
CA LEU B 205 11.07 0.35 8.14
C LEU B 205 11.40 0.82 9.55
N LEU B 206 11.24 2.11 9.79
CA LEU B 206 11.60 2.71 11.06
C LEU B 206 10.45 2.58 12.05
N ALA B 207 10.78 2.24 13.29
CA ALA B 207 9.78 2.03 14.33
C ALA B 207 10.35 2.46 15.69
N LEU B 208 10.94 3.67 15.70
CA LEU B 208 11.64 4.22 16.86
C LEU B 208 10.91 5.43 17.40
N PRO B 209 10.98 5.66 18.73
CA PRO B 209 10.53 6.93 19.24
C PRO B 209 11.59 7.99 19.00
N LEU B 210 11.21 9.25 19.12
CA LEU B 210 12.18 10.34 19.07
C LEU B 210 12.62 10.70 20.48
N ASN B 211 13.92 10.59 20.72
CA ASN B 211 14.55 11.06 21.96
C ASN B 211 15.96 11.51 21.65
N ALA B 212 16.75 11.79 22.69
CA ALA B 212 18.12 12.25 22.52
C ALA B 212 18.98 11.24 21.76
N ASP B 213 18.78 9.96 22.03
CA ASP B 213 19.57 8.91 21.41
C ASP B 213 19.20 8.66 19.94
N THR B 214 17.97 8.98 19.56
CA THR B 214 17.49 8.67 18.21
C THR B 214 17.44 9.87 17.27
N LEU B 215 17.62 11.07 17.81
CA LEU B 215 17.65 12.29 17.00
C LEU B 215 18.73 12.17 15.92
N HIS B 216 18.31 12.28 14.66
CA HIS B 216 19.20 12.18 13.51
C HIS B 216 20.06 10.90 13.52
N LEU B 217 19.46 9.81 14.01
CA LEU B 217 20.12 8.51 14.01
C LEU B 217 20.37 8.06 12.58
N VAL B 218 19.37 8.28 11.73
CA VAL B 218 19.51 8.00 10.30
C VAL B 218 20.14 9.23 9.67
N ASN B 219 21.47 9.27 9.72
CA ASN B 219 22.26 10.38 9.24
C ASN B 219 23.08 10.00 8.00
N ALA B 220 23.85 10.96 7.49
CA ALA B 220 24.67 10.72 6.31
C ALA B 220 25.58 9.50 6.45
N GLU B 221 26.19 9.35 7.63
CA GLU B 221 27.12 8.25 7.92
C GLU B 221 26.46 6.88 7.77
N LEU B 222 25.25 6.75 8.30
CA LEU B 222 24.50 5.50 8.23
C LEU B 222 23.92 5.25 6.85
N LEU B 223 23.42 6.31 6.20
CA LEU B 223 22.88 6.21 4.85
C LEU B 223 23.94 5.84 3.81
N ALA B 224 25.20 6.17 4.08
CA ALA B 224 26.32 5.81 3.21
C ALA B 224 26.54 4.28 3.14
N LEU B 225 25.97 3.55 4.10
CA LEU B 225 26.10 2.10 4.16
C LEU B 225 25.03 1.31 3.41
N VAL B 226 23.91 1.95 3.04
CA VAL B 226 22.78 1.21 2.46
C VAL B 226 23.10 0.56 1.12
N ARG B 227 22.47 -0.58 0.86
CA ARG B 227 22.49 -1.18 -0.47
C ARG B 227 21.97 -0.14 -1.43
N PRO B 228 22.67 0.06 -2.56
CA PRO B 228 22.15 0.97 -3.58
C PRO B 228 20.76 0.53 -4.04
N GLY B 229 19.80 1.45 -3.92
CA GLY B 229 18.41 1.17 -4.30
C GLY B 229 17.49 0.82 -3.14
N ALA B 230 18.03 0.78 -1.92
CA ALA B 230 17.23 0.45 -0.74
C ALA B 230 16.10 1.46 -0.54
N LEU B 231 14.99 1.00 0.03
CA LEU B 231 13.81 1.82 0.25
C LEU B 231 13.59 2.07 1.72
N LEU B 232 13.44 3.34 2.10
CA LEU B 232 13.33 3.71 3.50
C LEU B 232 11.94 4.26 3.79
N VAL B 233 11.30 3.70 4.83
CA VAL B 233 9.94 4.10 5.17
C VAL B 233 9.92 4.59 6.62
N ASN B 234 9.40 5.80 6.81
CA ASN B 234 9.39 6.44 8.13
C ASN B 234 7.98 6.78 8.60
N PRO B 235 7.38 5.90 9.41
CA PRO B 235 6.08 6.20 10.01
C PRO B 235 6.18 6.63 11.48
N CYS B 236 7.39 6.89 11.98
CA CYS B 236 7.57 7.15 13.41
C CYS B 236 7.67 8.63 13.78
N ARG B 237 8.87 9.22 13.70
CA ARG B 237 9.05 10.67 13.84
C ARG B 237 10.01 11.18 12.79
N GLY B 238 9.76 12.38 12.26
CA GLY B 238 10.62 12.97 11.24
C GLY B 238 12.09 13.02 11.65
N SER B 239 12.35 13.55 12.84
CA SER B 239 13.72 13.82 13.28
C SER B 239 14.56 12.60 13.67
N VAL B 240 13.97 11.40 13.56
CA VAL B 240 14.75 10.16 13.63
C VAL B 240 15.70 10.10 12.40
N VAL B 241 15.30 10.75 11.30
CA VAL B 241 16.17 10.89 10.15
C VAL B 241 16.64 12.33 9.96
N ASP B 242 17.78 12.48 9.30
CA ASP B 242 18.24 13.78 8.82
C ASP B 242 17.70 13.87 7.40
N GLU B 243 16.64 14.66 7.22
CA GLU B 243 15.94 14.74 5.91
C GLU B 243 16.84 15.29 4.81
N ALA B 244 17.80 16.13 5.18
CA ALA B 244 18.76 16.65 4.21
C ALA B 244 19.70 15.54 3.72
N ALA B 245 20.13 14.68 4.64
CA ALA B 245 20.95 13.51 4.32
C ALA B 245 20.17 12.49 3.49
N VAL B 246 18.87 12.38 3.76
CA VAL B 246 17.97 11.52 3.01
C VAL B 246 17.85 12.03 1.57
N LEU B 247 17.56 13.31 1.42
CA LEU B 247 17.51 13.93 0.08
C LEU B 247 18.81 13.74 -0.71
N ALA B 248 19.94 13.93 -0.04
CA ALA B 248 21.25 13.76 -0.67
C ALA B 248 21.45 12.32 -1.17
N ALA B 249 21.06 11.36 -0.32
CA ALA B 249 21.13 9.94 -0.66
C ALA B 249 20.22 9.56 -1.84
N LEU B 250 19.05 10.18 -1.92
CA LEU B 250 18.15 9.99 -3.06
C LEU B 250 18.74 10.56 -4.35
N GLU B 251 19.29 11.76 -4.25
CA GLU B 251 19.81 12.46 -5.43
C GLU B 251 21.04 11.79 -6.02
N ARG B 252 21.83 11.13 -5.18
CA ARG B 252 23.01 10.40 -5.65
C ARG B 252 22.64 8.97 -6.04
N GLY B 253 21.37 8.61 -5.84
CA GLY B 253 20.86 7.32 -6.26
C GLY B 253 21.22 6.16 -5.36
N GLN B 254 21.79 6.44 -4.20
CA GLN B 254 22.10 5.36 -3.25
C GLN B 254 20.83 4.91 -2.54
N LEU B 255 20.03 5.86 -2.09
CA LEU B 255 18.71 5.55 -1.58
C LEU B 255 17.74 5.49 -2.77
N GLY B 256 17.04 4.36 -2.89
CA GLY B 256 16.11 4.14 -3.99
C GLY B 256 14.76 4.81 -3.81
N GLY B 257 14.45 5.15 -2.56
CA GLY B 257 13.19 5.82 -2.27
C GLY B 257 13.04 6.19 -0.81
N TYR B 258 12.23 7.22 -0.55
CA TYR B 258 11.87 7.60 0.81
C TYR B 258 10.37 7.80 0.89
N ALA B 259 9.73 7.11 1.82
CA ALA B 259 8.32 7.31 2.10
C ALA B 259 8.16 7.71 3.56
N ALA B 260 7.32 8.70 3.83
CA ALA B 260 7.18 9.20 5.19
C ALA B 260 5.78 9.70 5.49
N ASP B 261 5.34 9.43 6.71
CA ASP B 261 4.10 9.95 7.27
C ASP B 261 4.39 11.08 8.27
N VAL B 262 5.68 11.29 8.54
CA VAL B 262 6.09 12.24 9.57
C VAL B 262 7.32 13.03 9.13
N PHE B 263 7.47 14.24 9.69
CA PHE B 263 8.44 15.19 9.18
C PHE B 263 9.07 16.00 10.30
N GLU B 264 10.34 16.33 10.10
CA GLU B 264 11.13 17.07 11.09
C GLU B 264 10.44 18.35 11.55
N MET B 265 9.74 19.00 10.61
CA MET B 265 9.02 20.25 10.88
C MET B 265 7.93 20.14 11.96
N GLU B 266 7.61 18.91 12.33
CA GLU B 266 6.59 18.63 13.35
C GLU B 266 7.15 18.51 14.77
N ASP B 267 8.47 18.50 14.91
CA ASP B 267 9.08 18.15 16.19
C ASP B 267 9.41 19.41 17.00
N TRP B 268 8.36 19.91 17.66
CA TRP B 268 8.35 21.23 18.28
C TRP B 268 9.38 21.44 19.38
N ALA B 269 9.75 20.36 20.06
CA ALA B 269 10.72 20.45 21.17
C ALA B 269 12.12 20.84 20.70
N ARG B 270 12.36 20.75 19.40
CA ARG B 270 13.65 21.14 18.83
C ARG B 270 13.71 22.64 18.59
N ALA B 271 14.65 23.32 19.24
CA ALA B 271 14.84 24.77 19.04
C ALA B 271 15.23 25.12 17.61
N ASP B 272 15.96 24.21 16.96
CA ASP B 272 16.39 24.37 15.58
C ASP B 272 15.48 23.62 14.57
N ARG B 273 14.24 23.36 14.97
CA ARG B 273 13.24 22.65 14.15
C ARG B 273 13.11 23.23 12.74
N PRO B 274 13.29 22.38 11.69
CA PRO B 274 13.03 22.82 10.32
C PRO B 274 11.62 23.37 10.19
N GLN B 275 11.45 24.45 9.45
CA GLN B 275 10.16 25.12 9.39
C GLN B 275 9.27 24.59 8.26
N GLN B 276 9.87 23.79 7.39
CA GLN B 276 9.18 23.22 6.25
C GLN B 276 9.83 21.90 5.87
N ILE B 277 9.16 21.15 5.00
CA ILE B 277 9.83 20.06 4.30
C ILE B 277 10.50 20.67 3.08
N ASP B 278 11.77 20.31 2.84
CA ASP B 278 12.51 20.84 1.67
C ASP B 278 11.70 20.57 0.39
N PRO B 279 11.38 21.63 -0.37
CA PRO B 279 10.65 21.47 -1.64
C PRO B 279 11.32 20.49 -2.61
N ALA B 280 12.65 20.42 -2.59
CA ALA B 280 13.40 19.45 -3.41
C ALA B 280 13.14 18.00 -2.99
N LEU B 281 12.87 17.79 -1.71
CA LEU B 281 12.49 16.45 -1.24
C LEU B 281 11.08 16.12 -1.70
N LEU B 282 10.19 17.09 -1.60
CA LEU B 282 8.81 16.94 -2.05
C LEU B 282 8.73 16.65 -3.54
N ALA B 283 9.65 17.25 -4.29
CA ALA B 283 9.66 17.15 -5.76
C ALA B 283 10.36 15.91 -6.27
N HIS B 284 11.09 15.21 -5.40
CA HIS B 284 11.84 14.03 -5.84
C HIS B 284 10.90 12.90 -6.27
N PRO B 285 11.17 12.28 -7.44
CA PRO B 285 10.27 11.25 -7.98
C PRO B 285 10.23 9.98 -7.13
N ASN B 286 11.27 9.72 -6.36
CA ASN B 286 11.38 8.48 -5.60
C ASN B 286 10.88 8.63 -4.16
N THR B 287 9.69 9.18 -4.01
CA THR B 287 9.13 9.48 -2.70
C THR B 287 7.63 9.20 -2.65
N LEU B 288 7.10 9.09 -1.44
CA LEU B 288 5.67 8.96 -1.21
C LEU B 288 5.38 9.48 0.18
N PHE B 289 4.41 10.38 0.29
CA PHE B 289 4.20 11.12 1.55
C PHE B 289 2.74 11.13 2.00
N THR B 290 2.55 11.16 3.32
CA THR B 290 1.22 11.31 3.93
C THR B 290 1.32 12.29 5.12
N PRO B 291 0.25 13.08 5.37
CA PRO B 291 0.37 14.15 6.35
C PRO B 291 0.06 13.72 7.80
N HIS B 292 0.89 12.84 8.34
CA HIS B 292 0.73 12.32 9.70
C HIS B 292 -0.64 11.70 9.92
N ILE B 293 -1.03 10.81 9.02
CA ILE B 293 -2.33 10.17 9.08
C ILE B 293 -2.24 8.71 9.57
N GLY B 294 -1.09 8.38 10.15
CA GLY B 294 -0.85 7.05 10.73
C GLY B 294 -2.03 6.49 11.50
N SER B 295 -2.61 7.31 12.39
CA SER B 295 -3.75 6.82 13.17
C SER B 295 -5.11 7.34 12.66
N ALA B 296 -5.11 7.89 11.45
CA ALA B 296 -6.32 8.49 10.86
C ALA B 296 -7.30 7.44 10.29
N VAL B 297 -7.71 6.52 11.15
CA VAL B 297 -8.75 5.55 10.82
C VAL B 297 -9.99 5.95 11.62
N ARG B 298 -11.10 6.06 10.90
CA ARG B 298 -12.31 6.71 11.40
C ARG B 298 -12.81 6.17 12.75
N ALA B 299 -12.92 4.85 12.86
CA ALA B 299 -13.41 4.21 14.10
C ALA B 299 -12.47 4.39 15.29
N VAL B 300 -11.17 4.45 14.99
CA VAL B 300 -10.11 4.49 16.01
C VAL B 300 -10.01 5.84 16.73
N ARG B 301 -10.32 6.93 16.03
CA ARG B 301 -10.11 8.25 16.62
C ARG B 301 -11.01 8.53 17.83
N LEU B 302 -12.24 8.04 17.81
CA LEU B 302 -13.11 8.13 18.98
C LEU B 302 -12.53 7.34 20.15
N GLU B 303 -11.99 6.16 19.85
CA GLU B 303 -11.40 5.30 20.87
C GLU B 303 -10.15 5.91 21.51
N ILE B 304 -9.37 6.62 20.69
CA ILE B 304 -8.18 7.32 21.17
C ILE B 304 -8.56 8.46 22.10
N GLU B 305 -9.52 9.29 21.66
CA GLU B 305 -10.06 10.37 22.49
C GLU B 305 -10.60 9.85 23.81
N ARG B 306 -11.32 8.73 23.75
CA ARG B 306 -11.89 8.09 24.94
C ARG B 306 -10.79 7.62 25.90
N CYS B 307 -9.73 7.03 25.35
CA CYS B 307 -8.60 6.60 26.15
C CYS B 307 -7.99 7.77 26.92
N ALA B 308 -7.70 8.87 26.23
CA ALA B 308 -7.16 10.08 26.87
C ALA B 308 -8.11 10.62 27.94
N ALA B 309 -9.41 10.66 27.60
CA ALA B 309 -10.45 11.16 28.52
C ALA B 309 -10.53 10.34 29.81
N GLN B 310 -10.46 9.02 29.68
CA GLN B 310 -10.51 8.12 30.85
C GLN B 310 -9.30 8.28 31.76
N ASN B 311 -8.13 8.45 31.15
CA ASN B 311 -6.90 8.70 31.91
C ASN B 311 -6.99 10.00 32.71
N ILE B 312 -7.52 11.04 32.08
CA ILE B 312 -7.69 12.33 32.72
C ILE B 312 -8.66 12.22 33.91
N LEU B 313 -9.78 11.53 33.71
CA LEU B 313 -10.76 11.34 34.78
C LEU B 313 -10.20 10.56 35.97
N GLN B 314 -9.39 9.53 35.69
CA GLN B 314 -8.70 8.77 36.75
C GLN B 314 -7.82 9.68 37.61
N ALA B 315 -7.01 10.51 36.94
CA ALA B 315 -6.10 11.42 37.63
C ALA B 315 -6.86 12.44 38.48
N LEU B 316 -7.98 12.93 37.96
CA LEU B 316 -8.79 13.92 38.67
C LEU B 316 -9.53 13.32 39.87
N ALA B 317 -9.75 12.01 39.82
CA ALA B 317 -10.38 11.28 40.92
C ALA B 317 -9.35 10.82 41.96
N GLY B 318 -8.10 11.21 41.77
CA GLY B 318 -7.02 10.86 42.70
C GLY B 318 -6.45 9.45 42.54
N GLU B 319 -6.67 8.85 41.38
CA GLU B 319 -6.13 7.51 41.06
C GLU B 319 -4.85 7.65 40.24
N ARG B 320 -4.09 6.57 40.17
CA ARG B 320 -3.00 6.47 39.20
C ARG B 320 -3.62 6.15 37.84
N PRO B 321 -3.43 7.04 36.84
CA PRO B 321 -4.01 6.76 35.53
C PRO B 321 -3.39 5.49 34.94
N ILE B 322 -4.22 4.64 34.34
CA ILE B 322 -3.76 3.35 33.81
C ILE B 322 -2.64 3.49 32.77
N ASN B 323 -2.70 4.55 31.96
CA ASN B 323 -1.70 4.78 30.92
C ASN B 323 -0.74 5.93 31.22
N ALA B 324 -0.45 6.13 32.51
CA ALA B 324 0.57 7.09 32.94
C ALA B 324 1.95 6.71 32.39
N VAL B 325 2.63 7.69 31.81
CA VAL B 325 3.98 7.53 31.28
C VAL B 325 5.00 7.65 32.42
N ASN B 326 4.62 8.40 33.45
CA ASN B 326 5.48 8.65 34.60
C ASN B 326 4.94 8.10 35.92
N ARG B 327 5.80 8.06 36.93
CA ARG B 327 5.40 7.66 38.27
C ARG B 327 5.69 8.80 39.24
N LEU B 328 4.72 9.09 40.12
CA LEU B 328 4.85 10.20 41.05
C LEU B 328 5.17 9.71 42.47
PA NAP C . -6.35 -18.63 -11.69
O1A NAP C . -5.29 -19.29 -10.84
O2A NAP C . -6.83 -19.31 -12.95
O5B NAP C . -7.59 -18.36 -10.72
C5B NAP C . -8.84 -17.88 -11.18
C4B NAP C . -9.94 -18.54 -10.35
O4B NAP C . -11.22 -18.03 -10.73
C3B NAP C . -9.98 -20.05 -10.56
O3B NAP C . -9.89 -20.70 -9.29
C2B NAP C . -11.33 -20.32 -11.18
O2B NAP C . -11.92 -21.50 -10.64
C1B NAP C . -12.16 -19.12 -10.78
N9A NAP C . -13.30 -18.86 -11.69
C8A NAP C . -13.32 -18.96 -13.04
N7A NAP C . -14.56 -18.65 -13.49
C5A NAP C . -15.32 -18.34 -12.42
C6A NAP C . -16.64 -17.95 -12.25
N6A NAP C . -17.45 -17.81 -13.33
N1A NAP C . -17.12 -17.72 -11.00
C2A NAP C . -16.33 -17.84 -9.93
N3A NAP C . -15.04 -18.24 -10.06
C4A NAP C . -14.52 -18.49 -11.29
O3 NAP C . -5.86 -17.17 -12.15
PN NAP C . -5.14 -16.14 -11.14
O1N NAP C . -3.63 -16.28 -11.26
O2N NAP C . -5.80 -16.23 -9.79
O5D NAP C . -5.49 -14.71 -11.82
C5D NAP C . -6.84 -14.31 -12.01
C4D NAP C . -6.89 -13.35 -13.18
O4D NAP C . -6.23 -12.14 -12.82
C3D NAP C . -6.15 -13.87 -14.41
O3D NAP C . -6.97 -14.69 -15.25
C2D NAP C . -5.74 -12.59 -15.11
O2D NAP C . -6.79 -12.19 -15.99
C1D NAP C . -5.61 -11.57 -13.98
N1N NAP C . -4.21 -11.19 -13.73
C2N NAP C . -3.90 -9.88 -13.69
C3N NAP C . -2.59 -9.46 -13.46
C7N NAP C . -2.25 -7.99 -13.44
O7N NAP C . -1.18 -7.63 -13.89
N7N NAP C . -3.13 -7.12 -12.93
C4N NAP C . -1.60 -10.40 -13.26
C5N NAP C . -1.93 -11.76 -13.29
C6N NAP C . -3.26 -12.12 -13.53
P2B NAP C . -12.58 -22.64 -11.56
O1X NAP C . -12.91 -21.99 -12.89
O2X NAP C . -11.49 -23.67 -11.65
O3X NAP C . -13.80 -23.04 -10.75
PA NAP D . 7.04 1.64 21.33
O1A NAP D . 6.03 0.53 21.52
O2A NAP D . 7.52 2.43 22.52
O5B NAP D . 8.30 1.04 20.53
C5B NAP D . 9.48 1.79 20.29
C4B NAP D . 10.65 0.83 20.35
O4B NAP D . 11.87 1.45 19.93
C3B NAP D . 10.87 0.34 21.78
O3B NAP D . 10.85 -1.09 21.77
C2B NAP D . 12.26 0.84 22.15
O2B NAP D . 12.97 -0.12 22.92
C1B NAP D . 12.92 1.02 20.79
N9A NAP D . 14.06 1.98 20.83
C8A NAP D . 14.13 3.13 21.53
N7A NAP D . 15.32 3.72 21.29
C5A NAP D . 16.00 2.93 20.44
C6A NAP D . 17.26 3.01 19.84
N6A NAP D . 18.08 4.05 20.09
N1A NAP D . 17.66 2.02 19.00
C2A NAP D . 16.87 0.96 18.74
N3A NAP D . 15.65 0.87 19.29
C4A NAP D . 15.20 1.83 20.15
O3 NAP D . 6.45 2.73 20.30
PN NAP D . 5.60 2.38 18.97
O1N NAP D . 4.15 2.30 19.34
O2N NAP D . 6.24 1.21 18.26
O5D NAP D . 5.82 3.72 18.11
C5D NAP D . 7.13 4.19 17.78
C4D NAP D . 7.05 5.69 17.53
O4D NAP D . 6.27 5.93 16.36
C3D NAP D . 6.34 6.44 18.64
O3D NAP D . 7.23 6.81 19.71
C2D NAP D . 5.78 7.65 17.93
O2D NAP D . 6.76 8.68 17.94
C1D NAP D . 5.56 7.16 16.50
N1N NAP D . 4.15 6.97 16.14
C2N NAP D . 3.67 7.54 15.00
C3N NAP D . 2.34 7.40 14.62
C7N NAP D . 1.83 8.03 13.34
O7N NAP D . 0.67 8.41 13.26
N7N NAP D . 2.66 8.15 12.30
C4N NAP D . 1.47 6.66 15.42
C5N NAP D . 1.96 6.08 16.59
C6N NAP D . 3.32 6.25 16.93
P2B NAP D . 13.27 0.13 24.49
O1X NAP D . 13.54 1.61 24.63
O2X NAP D . 12.00 -0.33 25.17
O3X NAP D . 14.48 -0.74 24.72
#